data_3EWZ
#
_entry.id   3EWZ
#
_cell.length_a   71.557
_cell.length_b   60.793
_cell.length_c   136.087
_cell.angle_alpha   90.00
_cell.angle_beta   99.29
_cell.angle_gamma   90.00
#
_symmetry.space_group_name_H-M   'P 1 21 1'
#
loop_
_entity.id
_entity.type
_entity.pdbx_description
1 polymer "Orotidine-5'-phosphate decarboxylase"
2 non-polymer 'SULFATE ION'
3 non-polymer "5-CYANO-URIDINE-5'-MONOPHOSPHATE"
4 water water
#
_entity_poly.entity_id   1
_entity_poly.type   'polypeptide(L)'
_entity_poly.pdbx_seq_one_letter_code
;GAMELSFGARAELPRIHPVASKLLRLMQKKETNLCLSADVSLARELLQLADALGPSICMLKTHVDILNDFTLDVMKELIT
LAKCHEFLIFEDRKFADIGNTVKKQYEGGIFKIASWADLVNAHVVPGSGVVKGLQEVGLPLHRGCLLIAEMSSTGSLATG
DYTRAAVRMAEEHSEFVVGFISGSRVSMKPEFLHLTPGVQLEAGGDNLGQQYNSPQEVIGKRGSDIIIVGRGIISAADRL
EAAEMYRKAAWEAYLSRLGV
;
_entity_poly.pdbx_strand_id   A,B,C,D
#
loop_
_chem_comp.id
_chem_comp.type
_chem_comp.name
_chem_comp.formula
CNU RNA linking 5-CYANO-URIDINE-5'-MONOPHOSPHATE 'C10 H12 N3 O9 P'
SO4 non-polymer 'SULFATE ION' 'O4 S -2'
#
# COMPACT_ATOMS: atom_id res chain seq x y z
N MET A 3 -19.56 -10.45 -46.15
CA MET A 3 -18.56 -11.39 -45.54
C MET A 3 -18.33 -11.12 -44.06
N GLU A 4 -19.08 -10.16 -43.54
CA GLU A 4 -19.14 -9.92 -42.09
C GLU A 4 -20.22 -10.78 -41.43
N LEU A 5 -19.75 -11.57 -40.50
CA LEU A 5 -20.54 -12.59 -39.82
C LEU A 5 -20.83 -12.21 -38.40
N SER A 6 -21.98 -12.65 -37.95
CA SER A 6 -22.39 -12.54 -36.55
C SER A 6 -21.47 -13.32 -35.66
N PHE A 7 -21.55 -13.02 -34.39
CA PHE A 7 -20.73 -13.74 -33.41
C PHE A 7 -21.08 -15.21 -33.45
N GLY A 8 -22.36 -15.48 -33.62
CA GLY A 8 -22.87 -16.85 -33.56
C GLY A 8 -22.36 -17.66 -34.73
N ALA A 9 -22.30 -17.01 -35.88
CA ALA A 9 -21.79 -17.65 -37.09
C ALA A 9 -20.28 -17.86 -37.00
N ARG A 10 -19.61 -16.88 -36.40
CA ARG A 10 -18.15 -16.98 -36.29
C ARG A 10 -17.77 -18.14 -35.38
N ALA A 11 -18.67 -18.41 -34.44
CA ALA A 11 -18.47 -19.50 -33.46
C ALA A 11 -18.40 -20.87 -34.14
N GLU A 12 -18.89 -20.90 -35.36
CA GLU A 12 -19.03 -22.17 -36.12
C GLU A 12 -18.04 -22.31 -37.24
N LEU A 13 -17.16 -21.32 -37.34
CA LEU A 13 -16.17 -21.33 -38.44
C LEU A 13 -15.31 -22.59 -38.36
N PRO A 14 -14.92 -23.15 -39.52
CA PRO A 14 -14.14 -24.38 -39.50
C PRO A 14 -12.86 -24.34 -38.68
N ARG A 15 -12.22 -23.19 -38.71
CA ARG A 15 -10.90 -23.00 -38.11
CA ARG A 15 -10.89 -23.02 -38.10
C ARG A 15 -10.96 -22.42 -36.71
N ILE A 16 -12.15 -22.29 -36.20
CA ILE A 16 -12.34 -21.68 -34.87
C ILE A 16 -11.73 -22.55 -33.76
N HIS A 17 -11.11 -21.88 -32.81
CA HIS A 17 -10.62 -22.53 -31.58
C HIS A 17 -11.79 -22.79 -30.59
N PRO A 18 -11.78 -23.91 -29.86
CA PRO A 18 -12.89 -24.18 -28.95
C PRO A 18 -13.21 -23.13 -27.92
N VAL A 19 -12.18 -22.42 -27.48
CA VAL A 19 -12.36 -21.38 -26.47
C VAL A 19 -13.08 -20.20 -27.07
N ALA A 20 -12.66 -19.90 -28.28
CA ALA A 20 -13.23 -18.77 -29.06
C ALA A 20 -14.69 -19.10 -29.39
N SER A 21 -14.93 -20.36 -29.72
CA SER A 21 -16.30 -20.79 -30.08
C SER A 21 -17.24 -20.64 -28.92
N LYS A 22 -16.77 -21.11 -27.79
CA LYS A 22 -17.54 -21.01 -26.55
C LYS A 22 -17.91 -19.57 -26.21
N LEU A 23 -16.93 -18.71 -26.35
CA LEU A 23 -17.08 -17.28 -26.06
C LEU A 23 -18.09 -16.64 -27.02
N LEU A 24 -17.88 -16.92 -28.29
CA LEU A 24 -18.70 -16.34 -29.37
C LEU A 24 -20.17 -16.73 -29.22
N ARG A 25 -20.37 -17.97 -28.80
CA ARG A 25 -21.71 -18.53 -28.62
CA ARG A 25 -21.72 -18.50 -28.65
C ARG A 25 -22.46 -17.80 -27.53
N LEU A 26 -21.76 -17.54 -26.44
CA LEU A 26 -22.38 -16.94 -25.27
C LEU A 26 -22.61 -15.45 -25.51
N MET A 27 -21.73 -14.88 -26.30
CA MET A 27 -21.86 -13.46 -26.68
C MET A 27 -23.19 -13.30 -27.43
N GLN A 28 -23.41 -14.22 -28.36
CA GLN A 28 -24.62 -14.19 -29.22
C GLN A 28 -25.86 -14.42 -28.36
N LYS A 29 -25.75 -15.38 -27.45
CA LYS A 29 -26.89 -15.79 -26.63
C LYS A 29 -27.33 -14.67 -25.72
N LYS A 30 -26.35 -14.00 -25.18
CA LYS A 30 -26.59 -13.05 -24.09
C LYS A 30 -26.67 -11.61 -24.57
N GLU A 31 -26.37 -11.45 -25.84
CA GLU A 31 -26.28 -10.14 -26.48
C GLU A 31 -25.33 -9.20 -25.75
N THR A 32 -24.15 -9.73 -25.52
CA THR A 32 -23.09 -8.94 -24.91
C THR A 32 -21.71 -9.24 -25.48
N ASN A 33 -21.03 -8.13 -25.75
CA ASN A 33 -19.62 -8.11 -26.14
C ASN A 33 -18.80 -7.19 -25.24
N LEU A 34 -19.28 -7.15 -24.01
CA LEU A 34 -18.61 -6.41 -22.89
C LEU A 34 -17.81 -7.34 -21.99
N CYS A 35 -16.56 -6.95 -21.82
CA CYS A 35 -15.63 -7.54 -20.85
C CYS A 35 -15.41 -6.59 -19.69
N LEU A 36 -15.78 -7.02 -18.50
CA LEU A 36 -15.58 -6.23 -17.27
C LEU A 36 -14.16 -6.38 -16.82
N SER A 37 -13.49 -5.25 -16.59
CA SER A 37 -12.17 -5.26 -15.98
C SER A 37 -12.28 -4.99 -14.50
N ALA A 38 -12.17 -6.08 -13.76
CA ALA A 38 -12.48 -6.10 -12.32
C ALA A 38 -11.23 -5.86 -11.49
N ASP A 39 -10.76 -4.64 -11.64
CA ASP A 39 -9.53 -4.16 -11.00
C ASP A 39 -9.79 -3.71 -9.58
N VAL A 40 -9.86 -4.71 -8.72
CA VAL A 40 -10.22 -4.50 -7.32
C VAL A 40 -9.23 -5.17 -6.39
N SER A 41 -9.25 -4.71 -5.16
CA SER A 41 -8.25 -5.11 -4.16
CA SER A 41 -8.27 -5.07 -4.13
C SER A 41 -8.71 -6.22 -3.23
N LEU A 42 -9.99 -6.49 -3.22
CA LEU A 42 -10.56 -7.53 -2.32
C LEU A 42 -11.40 -8.57 -3.05
N ALA A 43 -11.19 -9.80 -2.64
CA ALA A 43 -11.93 -10.92 -3.20
C ALA A 43 -13.45 -10.71 -3.08
N ARG A 44 -13.85 -10.12 -1.99
CA ARG A 44 -15.30 -9.96 -1.73
CA ARG A 44 -15.31 -9.94 -1.73
C ARG A 44 -15.93 -9.12 -2.84
N GLU A 45 -15.20 -8.10 -3.24
CA GLU A 45 -15.70 -7.16 -4.23
C GLU A 45 -15.66 -7.80 -5.59
N LEU A 46 -14.61 -8.56 -5.83
CA LEU A 46 -14.46 -9.25 -7.12
C LEU A 46 -15.66 -10.17 -7.36
N LEU A 47 -16.01 -10.89 -6.31
CA LEU A 47 -17.12 -11.86 -6.37
C LEU A 47 -18.49 -11.16 -6.45
N GLN A 48 -18.61 -10.04 -5.76
CA GLN A 48 -19.85 -9.24 -5.84
C GLN A 48 -20.08 -8.73 -7.26
N LEU A 49 -19.00 -8.26 -7.84
CA LEU A 49 -19.05 -7.76 -9.23
C LEU A 49 -19.43 -8.86 -10.20
N ALA A 50 -18.79 -10.00 -10.00
CA ALA A 50 -19.00 -11.14 -10.88
C ALA A 50 -20.46 -11.60 -10.86
N ASP A 51 -21.03 -11.53 -9.67
CA ASP A 51 -22.42 -12.00 -9.47
C ASP A 51 -23.42 -11.00 -10.03
N ALA A 52 -23.18 -9.73 -9.74
CA ALA A 52 -24.14 -8.66 -10.08
C ALA A 52 -24.11 -8.38 -11.56
N LEU A 53 -22.91 -8.43 -12.10
CA LEU A 53 -22.69 -8.00 -13.49
C LEU A 53 -22.53 -9.15 -14.45
N GLY A 54 -22.45 -10.34 -13.88
CA GLY A 54 -22.35 -11.58 -14.67
C GLY A 54 -23.29 -11.62 -15.88
N PRO A 55 -24.56 -11.28 -15.67
CA PRO A 55 -25.53 -11.42 -16.76
C PRO A 55 -25.30 -10.47 -17.91
N SER A 56 -24.55 -9.44 -17.63
CA SER A 56 -24.32 -8.33 -18.58
C SER A 56 -23.04 -8.45 -19.39
N ILE A 57 -22.22 -9.42 -19.03
CA ILE A 57 -20.86 -9.53 -19.60
C ILE A 57 -20.60 -10.87 -20.29
N CYS A 58 -19.70 -10.85 -21.24
CA CYS A 58 -19.22 -12.09 -21.90
C CYS A 58 -17.97 -12.63 -21.27
N MET A 59 -17.37 -11.79 -20.45
CA MET A 59 -16.01 -12.03 -19.94
C MET A 59 -15.72 -11.12 -18.76
N LEU A 60 -15.00 -11.69 -17.81
CA LEU A 60 -14.46 -10.97 -16.64
C LEU A 60 -12.95 -11.09 -16.71
N LYS A 61 -12.34 -9.92 -16.76
CA LYS A 61 -10.87 -9.79 -16.77
C LYS A 61 -10.38 -9.51 -15.35
N THR A 62 -9.46 -10.34 -14.94
CA THR A 62 -8.84 -10.26 -13.63
C THR A 62 -7.40 -9.78 -13.71
N HIS A 63 -7.01 -9.16 -12.62
CA HIS A 63 -5.61 -8.94 -12.22
C HIS A 63 -5.42 -9.52 -10.82
N VAL A 64 -5.19 -10.83 -10.76
CA VAL A 64 -5.23 -11.52 -9.45
C VAL A 64 -4.13 -11.00 -8.54
N ASP A 65 -3.09 -10.45 -9.13
CA ASP A 65 -1.95 -9.90 -8.32
C ASP A 65 -2.29 -8.62 -7.56
N ILE A 66 -3.38 -7.98 -7.93
CA ILE A 66 -3.87 -6.78 -7.24
C ILE A 66 -4.77 -7.12 -6.05
N LEU A 67 -5.20 -8.37 -5.99
CA LEU A 67 -6.00 -8.84 -4.84
C LEU A 67 -5.13 -8.92 -3.60
N ASN A 68 -5.59 -8.31 -2.54
CA ASN A 68 -4.89 -8.37 -1.26
C ASN A 68 -4.97 -9.74 -0.65
N ASP A 69 -6.01 -10.45 -1.07
CA ASP A 69 -6.42 -11.71 -0.42
C ASP A 69 -6.76 -12.82 -1.38
N PHE A 70 -6.01 -12.85 -2.46
CA PHE A 70 -6.05 -14.00 -3.37
C PHE A 70 -5.80 -15.32 -2.68
N THR A 71 -6.69 -16.25 -2.99
CA THR A 71 -6.49 -17.70 -2.80
C THR A 71 -7.18 -18.45 -3.91
N LEU A 72 -6.83 -19.71 -4.05
CA LEU A 72 -7.43 -20.53 -5.11
C LEU A 72 -8.88 -20.81 -4.80
N ASP A 73 -9.23 -20.66 -3.53
CA ASP A 73 -10.63 -20.82 -3.11
CA ASP A 73 -10.63 -20.83 -3.12
C ASP A 73 -11.48 -19.72 -3.71
N VAL A 74 -10.87 -18.56 -3.83
CA VAL A 74 -11.54 -17.40 -4.44
C VAL A 74 -11.84 -17.72 -5.88
N MET A 75 -10.86 -18.34 -6.51
CA MET A 75 -10.94 -18.71 -7.93
CA MET A 75 -10.97 -18.67 -7.93
C MET A 75 -12.00 -19.78 -8.16
N LYS A 76 -12.10 -20.68 -7.19
CA LYS A 76 -13.14 -21.72 -7.24
C LYS A 76 -14.52 -21.08 -7.27
N GLU A 77 -14.67 -20.05 -6.46
CA GLU A 77 -15.95 -19.32 -6.32
CA GLU A 77 -15.95 -19.32 -6.32
C GLU A 77 -16.24 -18.54 -7.59
N LEU A 78 -15.19 -18.01 -8.15
CA LEU A 78 -15.31 -17.22 -9.40
C LEU A 78 -15.74 -18.12 -10.54
N ILE A 79 -15.17 -19.31 -10.58
CA ILE A 79 -15.51 -20.28 -11.65
C ILE A 79 -16.98 -20.66 -11.58
N THR A 80 -17.45 -20.77 -10.35
CA THR A 80 -18.86 -21.15 -10.12
C THR A 80 -19.79 -20.09 -10.71
N LEU A 81 -19.39 -18.85 -10.51
CA LEU A 81 -20.17 -17.68 -10.99
C LEU A 81 -20.08 -17.60 -12.50
N ALA A 82 -18.91 -17.92 -13.00
CA ALA A 82 -18.64 -17.88 -14.44
C ALA A 82 -19.51 -18.91 -15.16
N LYS A 83 -19.66 -20.03 -14.49
CA LYS A 83 -20.45 -21.15 -15.04
C LYS A 83 -21.93 -20.82 -14.99
N CYS A 84 -22.30 -20.19 -13.90
CA CYS A 84 -23.71 -19.82 -13.61
C CYS A 84 -24.23 -18.81 -14.61
N HIS A 85 -23.47 -17.74 -14.69
CA HIS A 85 -23.87 -16.53 -15.47
C HIS A 85 -23.46 -16.61 -16.91
N GLU A 86 -22.59 -17.56 -17.17
CA GLU A 86 -22.03 -17.79 -18.51
C GLU A 86 -21.13 -16.66 -19.04
N PHE A 87 -19.93 -16.64 -18.50
CA PHE A 87 -18.85 -15.76 -18.99
C PHE A 87 -17.50 -16.47 -18.85
N LEU A 88 -16.55 -16.03 -19.67
CA LEU A 88 -15.15 -16.52 -19.58
C LEU A 88 -14.35 -15.66 -18.62
N ILE A 89 -13.33 -16.30 -18.04
CA ILE A 89 -12.36 -15.65 -17.17
C ILE A 89 -11.06 -15.43 -17.93
N PHE A 90 -10.63 -14.18 -17.92
CA PHE A 90 -9.43 -13.71 -18.61
C PHE A 90 -8.51 -13.04 -17.60
N GLU A 91 -7.39 -13.70 -17.32
CA GLU A 91 -6.35 -13.12 -16.48
C GLU A 91 -5.37 -12.35 -17.34
N ASP A 92 -5.32 -11.06 -17.04
CA ASP A 92 -4.51 -10.06 -17.80
C ASP A 92 -3.08 -10.07 -17.32
N ARG A 93 -2.45 -11.23 -17.48
CA ARG A 93 -1.14 -11.52 -16.90
C ARG A 93 0.02 -10.89 -17.62
N LYS A 94 -0.20 -10.63 -18.89
CA LYS A 94 0.84 -10.00 -19.72
C LYS A 94 2.18 -10.74 -19.63
N PHE A 95 2.13 -12.04 -19.87
CA PHE A 95 3.36 -12.85 -19.97
C PHE A 95 4.30 -12.18 -20.97
N ALA A 96 5.56 -12.03 -20.61
CA ALA A 96 6.46 -11.16 -21.38
C ALA A 96 7.94 -11.48 -21.18
N ASP A 97 8.24 -12.77 -21.20
CA ASP A 97 9.63 -13.25 -21.08
C ASP A 97 9.83 -14.50 -21.87
N ILE A 98 11.04 -15.01 -21.73
CA ILE A 98 11.45 -16.25 -22.38
C ILE A 98 10.50 -17.39 -22.04
N GLY A 99 10.41 -18.32 -22.97
CA GLY A 99 9.49 -19.47 -22.85
C GLY A 99 9.60 -20.26 -21.55
N ASN A 100 10.83 -20.48 -21.13
CA ASN A 100 11.07 -21.31 -19.94
C ASN A 100 10.45 -20.70 -18.70
N THR A 101 10.49 -19.38 -18.64
CA THR A 101 9.97 -18.64 -17.48
C THR A 101 8.45 -18.57 -17.49
N VAL A 102 7.91 -18.18 -18.63
CA VAL A 102 6.45 -17.98 -18.72
C VAL A 102 5.70 -19.29 -18.54
N LYS A 103 6.31 -20.39 -18.95
CA LYS A 103 5.72 -21.72 -18.75
C LYS A 103 5.44 -21.91 -17.26
N LYS A 104 6.42 -21.52 -16.45
CA LYS A 104 6.31 -21.69 -15.01
C LYS A 104 5.31 -20.71 -14.40
N GLN A 105 5.29 -19.51 -14.95
CA GLN A 105 4.42 -18.46 -14.48
C GLN A 105 2.95 -18.74 -14.79
N TYR A 106 2.74 -19.56 -15.81
CA TYR A 106 1.39 -19.93 -16.24
C TYR A 106 0.85 -21.10 -15.45
N GLU A 107 1.70 -22.09 -15.26
CA GLU A 107 1.28 -23.35 -14.65
C GLU A 107 1.28 -23.27 -13.15
N GLY A 108 2.32 -22.68 -12.64
CA GLY A 108 2.74 -23.01 -11.28
C GLY A 108 2.57 -21.87 -10.37
N GLY A 109 3.38 -21.93 -9.33
CA GLY A 109 3.48 -20.82 -8.42
C GLY A 109 2.18 -20.54 -7.74
N ILE A 110 2.13 -19.39 -7.14
CA ILE A 110 1.05 -19.08 -6.20
C ILE A 110 -0.33 -18.99 -6.83
N PHE A 111 -0.35 -18.51 -8.07
CA PHE A 111 -1.64 -18.24 -8.73
C PHE A 111 -2.26 -19.41 -9.48
N LYS A 112 -1.41 -20.32 -9.90
CA LYS A 112 -1.81 -21.47 -10.74
C LYS A 112 -2.79 -21.04 -11.83
N ILE A 113 -2.37 -20.07 -12.60
CA ILE A 113 -3.26 -19.39 -13.57
C ILE A 113 -3.95 -20.38 -14.52
N ALA A 114 -3.19 -21.34 -14.99
CA ALA A 114 -3.67 -22.27 -16.05
C ALA A 114 -4.85 -23.10 -15.55
N SER A 115 -4.93 -23.20 -14.24
CA SER A 115 -5.98 -24.04 -13.62
C SER A 115 -7.35 -23.40 -13.65
N TRP A 116 -7.40 -22.10 -13.91
CA TRP A 116 -8.71 -21.40 -13.85
C TRP A 116 -9.02 -20.37 -14.93
N ALA A 117 -7.97 -19.87 -15.57
CA ALA A 117 -8.14 -18.84 -16.61
C ALA A 117 -8.39 -19.43 -17.99
N ASP A 118 -9.57 -19.13 -18.51
CA ASP A 118 -9.93 -19.56 -19.85
C ASP A 118 -8.98 -18.93 -20.84
N LEU A 119 -8.68 -17.67 -20.55
CA LEU A 119 -7.82 -16.83 -21.41
C LEU A 119 -6.76 -16.14 -20.59
N VAL A 120 -5.60 -16.03 -21.22
CA VAL A 120 -4.51 -15.15 -20.77
C VAL A 120 -4.01 -14.35 -21.97
N ASN A 121 -3.14 -13.40 -21.68
CA ASN A 121 -2.49 -12.63 -22.75
C ASN A 121 -0.98 -12.60 -22.58
N ALA A 122 -0.33 -12.25 -23.66
CA ALA A 122 1.12 -12.19 -23.76
C ALA A 122 1.57 -11.06 -24.63
N HIS A 123 2.63 -10.40 -24.19
CA HIS A 123 3.38 -9.49 -25.04
C HIS A 123 4.27 -10.26 -26.00
N VAL A 124 4.40 -9.72 -27.21
CA VAL A 124 5.14 -10.39 -28.29
C VAL A 124 6.61 -10.02 -28.36
N VAL A 125 6.98 -9.06 -27.52
CA VAL A 125 8.35 -8.52 -27.53
C VAL A 125 9.45 -9.59 -27.37
N PRO A 126 9.22 -10.70 -26.62
CA PRO A 126 10.32 -11.68 -26.49
C PRO A 126 10.54 -12.59 -27.66
N GLY A 127 9.68 -12.44 -28.66
CA GLY A 127 9.63 -13.42 -29.76
C GLY A 127 8.74 -14.59 -29.42
N SER A 128 8.60 -15.49 -30.38
CA SER A 128 7.55 -16.53 -30.34
C SER A 128 7.73 -17.56 -29.22
N GLY A 129 8.90 -17.55 -28.63
CA GLY A 129 9.16 -18.39 -27.46
C GLY A 129 8.18 -18.16 -26.32
N VAL A 130 7.67 -16.95 -26.23
CA VAL A 130 6.70 -16.59 -25.18
C VAL A 130 5.45 -17.44 -25.32
N VAL A 131 5.08 -17.64 -26.57
CA VAL A 131 3.89 -18.47 -26.92
C VAL A 131 4.21 -19.96 -26.73
N LYS A 132 5.37 -20.35 -27.20
CA LYS A 132 5.78 -21.76 -27.16
C LYS A 132 5.83 -22.27 -25.73
N GLY A 133 6.29 -21.40 -24.86
CA GLY A 133 6.41 -21.73 -23.43
C GLY A 133 5.07 -21.95 -22.80
N LEU A 134 4.13 -21.07 -23.15
CA LEU A 134 2.78 -21.17 -22.63
C LEU A 134 2.13 -22.44 -23.14
N GLN A 135 2.46 -22.79 -24.37
CA GLN A 135 1.86 -23.97 -25.05
C GLN A 135 2.30 -25.27 -24.43
N GLU A 136 3.42 -25.21 -23.75
CA GLU A 136 4.07 -26.41 -23.20
C GLU A 136 3.52 -26.82 -21.88
N VAL A 137 2.66 -25.97 -21.36
CA VAL A 137 1.91 -26.32 -20.17
C VAL A 137 0.87 -27.32 -20.64
N GLY A 138 0.98 -28.49 -20.05
CA GLY A 138 0.03 -29.57 -20.32
C GLY A 138 -1.23 -29.29 -19.53
N LEU A 139 -2.34 -29.20 -20.26
CA LEU A 139 -3.64 -29.08 -19.60
C LEU A 139 -4.77 -29.61 -20.44
N PRO A 140 -5.52 -30.57 -19.88
CA PRO A 140 -6.57 -31.26 -20.60
C PRO A 140 -7.87 -30.47 -20.57
N LEU A 141 -7.65 -29.17 -20.50
CA LEU A 141 -8.72 -28.17 -20.50
C LEU A 141 -8.56 -27.26 -21.68
N HIS A 142 -9.66 -26.69 -22.11
CA HIS A 142 -9.66 -25.71 -23.23
C HIS A 142 -9.12 -24.39 -22.74
N ARG A 143 -8.01 -24.00 -23.32
CA ARG A 143 -7.33 -22.73 -22.94
C ARG A 143 -6.87 -21.98 -24.16
N GLY A 144 -6.95 -20.67 -24.06
CA GLY A 144 -6.49 -19.79 -25.14
C GLY A 144 -5.67 -18.61 -24.66
N CYS A 145 -5.02 -18.02 -25.63
CA CYS A 145 -4.13 -16.88 -25.40
C CYS A 145 -4.45 -15.76 -26.37
N LEU A 146 -4.32 -14.56 -25.84
CA LEU A 146 -4.44 -13.33 -26.64
C LEU A 146 -3.10 -12.63 -26.72
N LEU A 147 -2.71 -12.22 -27.91
CA LEU A 147 -1.43 -11.49 -28.11
C LEU A 147 -1.70 -10.00 -28.16
N ILE A 148 -0.82 -9.26 -27.50
CA ILE A 148 -0.96 -7.80 -27.39
C ILE A 148 -0.33 -7.14 -28.62
N ALA A 149 -1.20 -6.75 -29.54
CA ALA A 149 -0.81 -6.25 -30.85
C ALA A 149 -0.77 -4.72 -30.90
N GLU A 150 -1.61 -4.14 -30.06
CA GLU A 150 -1.67 -2.66 -29.83
C GLU A 150 -2.04 -2.43 -28.38
N MET A 151 -1.63 -1.29 -27.88
CA MET A 151 -1.96 -0.84 -26.50
C MET A 151 -2.66 0.50 -26.54
N SER A 152 -3.38 0.77 -25.46
CA SER A 152 -4.30 1.91 -25.41
C SER A 152 -3.66 3.22 -24.95
N SER A 153 -2.43 3.09 -24.50
CA SER A 153 -1.72 4.17 -23.80
C SER A 153 -0.85 5.07 -24.68
N THR A 154 -0.70 6.27 -24.20
CA THR A 154 0.08 7.31 -24.87
C THR A 154 1.54 6.91 -24.94
N GLY A 155 2.04 6.93 -26.15
CA GLY A 155 3.42 6.58 -26.42
C GLY A 155 3.67 5.10 -26.66
N SER A 156 2.60 4.35 -26.75
CA SER A 156 2.70 2.91 -27.07
C SER A 156 3.60 2.66 -28.27
N LEU A 157 4.45 1.67 -28.11
CA LEU A 157 5.37 1.23 -29.16
C LEU A 157 4.82 0.06 -29.96
N ALA A 158 3.62 -0.35 -29.59
CA ALA A 158 2.95 -1.48 -30.26
C ALA A 158 2.22 -1.00 -31.50
N THR A 159 3.04 -0.62 -32.44
CA THR A 159 2.58 -0.04 -33.72
C THR A 159 3.36 -0.60 -34.89
N GLY A 160 2.83 -0.31 -36.07
CA GLY A 160 3.53 -0.65 -37.31
C GLY A 160 4.00 -2.08 -37.37
N ASP A 161 5.30 -2.24 -37.53
CA ASP A 161 5.91 -3.56 -37.73
C ASP A 161 5.73 -4.47 -36.52
N TYR A 162 5.60 -3.82 -35.38
CA TYR A 162 5.43 -4.55 -34.09
C TYR A 162 4.08 -5.27 -34.10
N THR A 163 3.09 -4.49 -34.46
CA THR A 163 1.71 -4.99 -34.59
C THR A 163 1.64 -6.10 -35.64
N ARG A 164 2.33 -5.89 -36.75
CA ARG A 164 2.35 -6.92 -37.81
C ARG A 164 2.96 -8.24 -37.32
N ALA A 165 3.99 -8.06 -36.51
CA ALA A 165 4.70 -9.20 -35.91
C ALA A 165 3.77 -10.00 -35.01
N ALA A 166 2.93 -9.28 -34.30
CA ALA A 166 1.98 -9.91 -33.38
C ALA A 166 0.97 -10.74 -34.14
N VAL A 167 0.56 -10.19 -35.28
CA VAL A 167 -0.48 -10.83 -36.10
C VAL A 167 0.08 -12.11 -36.67
N ARG A 168 1.32 -12.01 -37.11
CA ARG A 168 1.99 -13.17 -37.73
C ARG A 168 2.18 -14.27 -36.71
N MET A 169 2.56 -13.84 -35.53
CA MET A 169 2.80 -14.80 -34.44
C MET A 169 1.51 -15.53 -34.05
N ALA A 170 0.42 -14.78 -34.04
CA ALA A 170 -0.90 -15.34 -33.76
C ALA A 170 -1.26 -16.40 -34.80
N GLU A 171 -1.08 -16.00 -36.05
CA GLU A 171 -1.55 -16.83 -37.17
CA GLU A 171 -1.47 -16.83 -37.22
C GLU A 171 -0.75 -18.14 -37.21
N GLU A 172 0.47 -18.06 -36.71
CA GLU A 172 1.40 -19.18 -36.69
C GLU A 172 1.26 -20.10 -35.49
N HIS A 173 0.42 -19.68 -34.56
CA HIS A 173 0.17 -20.42 -33.30
C HIS A 173 -1.30 -20.50 -32.99
N SER A 174 -2.07 -20.62 -34.05
CA SER A 174 -3.55 -20.57 -33.99
C SER A 174 -4.20 -21.72 -33.23
N GLU A 175 -3.39 -22.72 -32.95
CA GLU A 175 -3.82 -23.85 -32.12
C GLU A 175 -4.02 -23.45 -30.65
N PHE A 176 -3.46 -22.29 -30.34
CA PHE A 176 -3.50 -21.75 -28.96
C PHE A 176 -3.92 -20.27 -28.85
N VAL A 177 -3.42 -19.50 -29.77
CA VAL A 177 -3.72 -18.05 -29.84
C VAL A 177 -5.05 -17.86 -30.57
N VAL A 178 -5.96 -17.21 -29.86
CA VAL A 178 -7.36 -17.07 -30.30
C VAL A 178 -7.71 -15.64 -30.64
N GLY A 179 -6.76 -14.75 -30.44
CA GLY A 179 -7.02 -13.35 -30.73
C GLY A 179 -6.03 -12.40 -30.14
N PHE A 180 -6.48 -11.17 -30.02
CA PHE A 180 -5.63 -10.00 -29.72
C PHE A 180 -6.21 -9.09 -28.69
N ILE A 181 -5.30 -8.45 -27.98
CA ILE A 181 -5.56 -7.15 -27.36
C ILE A 181 -5.10 -6.14 -28.43
N SER A 182 -6.05 -5.31 -28.85
CA SER A 182 -5.78 -4.27 -29.86
C SER A 182 -6.77 -3.14 -29.77
N GLY A 183 -6.49 -2.09 -30.53
CA GLY A 183 -7.35 -0.91 -30.55
C GLY A 183 -8.33 -0.94 -31.68
N SER A 184 -8.07 -1.88 -32.54
CA SER A 184 -8.82 -2.07 -33.78
CA SER A 184 -8.80 -2.05 -33.81
C SER A 184 -8.68 -3.47 -34.31
N ARG A 185 -9.38 -3.72 -35.38
CA ARG A 185 -9.22 -4.98 -36.11
C ARG A 185 -7.81 -4.98 -36.69
N VAL A 186 -7.04 -6.02 -36.38
CA VAL A 186 -5.67 -6.12 -36.88
C VAL A 186 -5.46 -7.32 -37.79
N SER A 187 -6.39 -8.24 -37.67
CA SER A 187 -6.42 -9.45 -38.52
C SER A 187 -7.69 -9.50 -39.29
N MET A 188 -7.53 -9.92 -40.53
CA MET A 188 -8.63 -10.03 -41.46
C MET A 188 -9.30 -11.40 -41.38
N LYS A 189 -8.74 -12.24 -40.52
CA LYS A 189 -9.26 -13.63 -40.31
C LYS A 189 -10.34 -13.67 -39.22
N PRO A 190 -11.57 -14.07 -39.58
CA PRO A 190 -12.68 -13.87 -38.64
C PRO A 190 -12.66 -14.81 -37.45
N GLU A 191 -11.74 -15.75 -37.49
CA GLU A 191 -11.61 -16.74 -36.42
C GLU A 191 -10.93 -16.13 -35.20
N PHE A 192 -10.28 -15.01 -35.41
CA PHE A 192 -9.60 -14.29 -34.32
CA PHE A 192 -9.58 -14.32 -34.32
C PHE A 192 -10.41 -13.22 -33.67
N LEU A 193 -10.39 -13.25 -32.34
CA LEU A 193 -11.08 -12.24 -31.50
C LEU A 193 -10.21 -10.99 -31.33
N HIS A 194 -10.89 -9.85 -31.35
CA HIS A 194 -10.27 -8.55 -31.01
C HIS A 194 -10.93 -7.96 -29.74
N LEU A 195 -10.10 -7.78 -28.72
CA LEU A 195 -10.51 -7.20 -27.45
C LEU A 195 -9.80 -5.87 -27.26
N THR A 196 -10.58 -4.85 -26.90
CA THR A 196 -10.09 -3.48 -26.85
C THR A 196 -10.31 -2.79 -25.53
N PRO A 197 -9.22 -2.54 -24.79
CA PRO A 197 -9.30 -1.70 -23.62
C PRO A 197 -9.11 -0.24 -24.03
N GLY A 198 -9.24 0.61 -23.06
CA GLY A 198 -9.26 2.05 -23.26
C GLY A 198 -10.57 2.54 -23.82
N VAL A 199 -11.60 2.12 -23.11
CA VAL A 199 -12.99 2.40 -23.50
C VAL A 199 -13.79 3.06 -22.40
N GLN A 200 -14.38 4.18 -22.78
CA GLN A 200 -15.35 4.95 -21.95
C GLN A 200 -16.36 5.64 -22.88
N LEU A 201 -17.53 5.94 -22.34
CA LEU A 201 -18.56 6.62 -23.14
C LEU A 201 -18.09 8.01 -23.56
N GLU A 202 -17.38 8.64 -22.66
CA GLU A 202 -16.85 10.00 -22.90
C GLU A 202 -15.40 9.99 -23.33
N ALA A 203 -15.11 11.00 -24.16
CA ALA A 203 -13.74 11.40 -24.53
C ALA A 203 -12.92 11.64 -23.32
N GLY A 204 -11.69 11.18 -23.42
CA GLY A 204 -10.66 11.50 -22.43
C GLY A 204 -9.58 10.49 -22.20
N GLY A 205 -9.11 10.54 -20.98
CA GLY A 205 -7.97 9.71 -20.53
C GLY A 205 -7.81 9.78 -19.03
N ASP A 206 -6.71 9.24 -18.52
CA ASP A 206 -6.36 9.46 -17.12
C ASP A 206 -5.06 10.24 -17.06
N ASN A 207 -4.53 10.33 -15.87
CA ASN A 207 -3.34 11.16 -15.60
CA ASN A 207 -3.34 11.14 -15.61
C ASN A 207 -2.05 10.38 -15.72
N LEU A 208 -2.18 9.15 -16.20
CA LEU A 208 -1.07 8.22 -16.32
C LEU A 208 -1.06 7.48 -17.64
N GLY A 209 -1.44 8.20 -18.66
CA GLY A 209 -1.28 7.74 -20.02
C GLY A 209 -2.36 6.93 -20.65
N GLN A 210 -3.40 6.62 -19.90
CA GLN A 210 -4.56 5.92 -20.51
C GLN A 210 -5.29 6.87 -21.43
N GLN A 211 -5.76 6.31 -22.52
CA GLN A 211 -6.61 7.01 -23.47
C GLN A 211 -7.88 6.25 -23.70
N TYR A 212 -8.96 7.00 -23.79
CA TYR A 212 -10.31 6.43 -23.99
C TYR A 212 -10.91 6.80 -25.34
N ASN A 213 -11.57 5.79 -25.88
CA ASN A 213 -12.46 5.94 -27.07
C ASN A 213 -13.78 5.28 -26.76
N SER A 214 -14.81 5.68 -27.48
CA SER A 214 -16.14 5.14 -27.21
C SER A 214 -16.39 3.76 -27.80
N PRO A 215 -17.41 3.09 -27.28
CA PRO A 215 -17.76 1.80 -27.89
C PRO A 215 -18.11 1.89 -29.35
N GLN A 216 -18.81 2.95 -29.72
CA GLN A 216 -19.16 3.12 -31.13
C GLN A 216 -17.91 3.24 -31.99
N GLU A 217 -16.93 3.98 -31.49
CA GLU A 217 -15.67 4.18 -32.21
C GLU A 217 -14.90 2.89 -32.35
N VAL A 218 -14.78 2.17 -31.26
CA VAL A 218 -13.91 0.98 -31.16
CA VAL A 218 -13.85 1.03 -31.24
C VAL A 218 -14.46 -0.23 -31.88
N ILE A 219 -15.74 -0.43 -31.68
CA ILE A 219 -16.44 -1.59 -32.25
C ILE A 219 -16.92 -1.29 -33.65
N GLY A 220 -17.54 -0.12 -33.78
CA GLY A 220 -18.21 0.28 -35.03
C GLY A 220 -17.29 0.72 -36.10
N LYS A 221 -16.48 1.71 -35.77
CA LYS A 221 -15.57 2.32 -36.74
C LYS A 221 -14.28 1.52 -36.90
N ARG A 222 -13.73 1.07 -35.78
CA ARG A 222 -12.38 0.44 -35.79
C ARG A 222 -12.40 -1.07 -35.93
N GLY A 223 -13.59 -1.60 -35.84
CA GLY A 223 -13.86 -3.01 -36.15
C GLY A 223 -13.45 -4.07 -35.15
N SER A 224 -13.27 -3.64 -33.93
CA SER A 224 -12.99 -4.60 -32.82
C SER A 224 -14.24 -5.37 -32.44
N ASP A 225 -14.04 -6.38 -31.61
CA ASP A 225 -15.12 -7.27 -31.21
C ASP A 225 -15.74 -7.03 -29.85
N ILE A 226 -14.84 -6.84 -28.89
CA ILE A 226 -15.18 -6.80 -27.48
C ILE A 226 -14.55 -5.56 -26.84
N ILE A 227 -15.33 -4.87 -26.02
CA ILE A 227 -14.78 -3.76 -25.22
C ILE A 227 -14.42 -4.25 -23.82
N ILE A 228 -13.24 -3.82 -23.38
CA ILE A 228 -12.79 -4.02 -21.99
C ILE A 228 -12.94 -2.72 -21.25
N VAL A 229 -13.74 -2.76 -20.19
CA VAL A 229 -14.09 -1.56 -19.40
C VAL A 229 -13.90 -1.79 -17.93
N GLY A 230 -13.06 -0.96 -17.37
CA GLY A 230 -12.79 -0.94 -15.94
C GLY A 230 -13.53 0.17 -15.22
N ARG A 231 -12.83 1.26 -15.05
CA ARG A 231 -13.29 2.41 -14.27
C ARG A 231 -14.63 2.97 -14.72
N GLY A 232 -14.90 2.84 -16.01
CA GLY A 232 -16.15 3.35 -16.58
C GLY A 232 -17.34 2.70 -15.92
N ILE A 233 -17.10 1.50 -15.41
CA ILE A 233 -18.10 0.72 -14.65
C ILE A 233 -17.85 0.70 -13.16
N ILE A 234 -16.67 0.27 -12.78
CA ILE A 234 -16.32 0.07 -11.37
CA ILE A 234 -16.35 0.06 -11.36
C ILE A 234 -16.22 1.33 -10.53
N SER A 235 -16.07 2.45 -11.19
CA SER A 235 -15.95 3.78 -10.53
C SER A 235 -17.22 4.57 -10.66
N ALA A 236 -18.19 3.95 -11.30
CA ALA A 236 -19.51 4.59 -11.56
C ALA A 236 -20.33 4.60 -10.31
N ALA A 237 -21.19 5.61 -10.24
CA ALA A 237 -22.12 5.76 -9.12
C ALA A 237 -23.09 4.59 -9.02
N ASP A 238 -23.50 4.10 -10.18
CA ASP A 238 -24.40 2.93 -10.32
C ASP A 238 -23.82 1.96 -11.30
N ARG A 239 -23.20 0.93 -10.75
CA ARG A 239 -22.36 0.02 -11.54
C ARG A 239 -23.16 -0.82 -12.52
N LEU A 240 -24.32 -1.29 -12.08
CA LEU A 240 -25.15 -2.16 -12.95
C LEU A 240 -25.66 -1.32 -14.12
N GLU A 241 -26.09 -0.12 -13.79
CA GLU A 241 -26.60 0.78 -14.82
CA GLU A 241 -26.60 0.80 -14.82
C GLU A 241 -25.51 1.05 -15.85
N ALA A 242 -24.31 1.25 -15.35
CA ALA A 242 -23.17 1.59 -16.21
C ALA A 242 -22.88 0.40 -17.11
N ALA A 243 -22.87 -0.77 -16.51
CA ALA A 243 -22.54 -2.00 -17.26
C ALA A 243 -23.53 -2.22 -18.38
N GLU A 244 -24.79 -1.92 -18.10
CA GLU A 244 -25.85 -2.10 -19.09
C GLU A 244 -25.72 -1.09 -20.22
N MET A 245 -25.30 0.11 -19.89
CA MET A 245 -25.05 1.12 -20.93
CA MET A 245 -25.01 1.16 -20.90
C MET A 245 -23.94 0.69 -21.86
N TYR A 246 -22.87 0.18 -21.28
CA TYR A 246 -21.71 -0.26 -22.04
C TYR A 246 -22.07 -1.45 -22.91
N ARG A 247 -22.82 -2.37 -22.32
CA ARG A 247 -23.24 -3.56 -23.05
C ARG A 247 -24.07 -3.18 -24.28
N LYS A 248 -25.02 -2.30 -24.07
CA LYS A 248 -25.95 -1.92 -25.13
C LYS A 248 -25.21 -1.15 -26.22
N ALA A 249 -24.26 -0.35 -25.79
CA ALA A 249 -23.47 0.48 -26.71
C ALA A 249 -22.66 -0.43 -27.63
N ALA A 250 -21.95 -1.34 -27.00
CA ALA A 250 -21.05 -2.24 -27.75
C ALA A 250 -21.82 -3.15 -28.68
N TRP A 251 -22.98 -3.57 -28.19
CA TRP A 251 -23.79 -4.54 -28.92
C TRP A 251 -24.34 -3.90 -30.21
N GLU A 252 -24.88 -2.71 -30.05
CA GLU A 252 -25.47 -2.00 -31.19
CA GLU A 252 -25.49 -1.98 -31.18
C GLU A 252 -24.42 -1.61 -32.21
N ALA A 253 -23.25 -1.25 -31.71
CA ALA A 253 -22.13 -0.92 -32.60
C ALA A 253 -21.74 -2.10 -33.45
N TYR A 254 -21.82 -3.26 -32.84
CA TYR A 254 -21.49 -4.52 -33.53
C TYR A 254 -22.53 -4.85 -34.61
N LEU A 255 -23.78 -4.68 -34.20
CA LEU A 255 -24.91 -4.97 -35.09
C LEU A 255 -24.79 -4.17 -36.38
N SER A 256 -24.16 -3.02 -36.25
CA SER A 256 -24.08 -2.05 -37.35
C SER A 256 -23.20 -2.51 -38.49
N ARG A 257 -22.43 -3.54 -38.22
CA ARG A 257 -21.47 -4.07 -39.21
CA ARG A 257 -21.47 -4.08 -39.19
C ARG A 257 -22.05 -5.20 -40.04
N LEU A 258 -23.20 -5.67 -39.62
CA LEU A 258 -23.76 -6.92 -40.16
C LEU A 258 -24.62 -6.70 -41.39
N GLY A 259 -24.73 -5.44 -41.73
CA GLY A 259 -25.48 -5.00 -42.91
C GLY A 259 -26.97 -5.28 -42.91
N VAL A 260 -27.40 -5.53 -44.13
CA VAL A 260 -28.80 -5.79 -44.55
C VAL A 260 -29.46 -4.58 -45.22
N MET B 3 35.96 8.24 -20.47
CA MET B 3 36.86 7.24 -19.83
C MET B 3 36.03 6.26 -19.04
N GLU B 4 36.45 5.01 -19.14
N GLU B 4 36.49 5.02 -19.06
CA GLU B 4 35.86 3.92 -18.37
CA GLU B 4 35.84 3.91 -18.37
C GLU B 4 36.26 4.09 -16.92
C GLU B 4 36.23 3.78 -16.90
N LEU B 5 35.25 4.06 -16.09
CA LEU B 5 35.39 4.12 -14.64
C LEU B 5 35.10 2.80 -13.97
N SER B 6 35.79 2.59 -12.87
CA SER B 6 35.51 1.47 -11.97
C SER B 6 34.11 1.59 -11.39
N PHE B 7 33.62 0.46 -10.90
CA PHE B 7 32.31 0.47 -10.22
C PHE B 7 32.33 1.44 -9.04
N GLY B 8 33.44 1.43 -8.34
CA GLY B 8 33.58 2.26 -7.15
C GLY B 8 33.52 3.75 -7.47
N ALA B 9 34.14 4.09 -8.58
CA ALA B 9 34.17 5.49 -9.05
C ALA B 9 32.78 5.88 -9.53
N ARG B 10 32.14 4.94 -10.21
CA ARG B 10 30.80 5.20 -10.73
C ARG B 10 29.83 5.47 -9.59
N ALA B 11 30.06 4.82 -8.47
CA ALA B 11 29.23 4.99 -7.26
C ALA B 11 29.23 6.43 -6.76
N GLU B 12 30.25 7.16 -7.16
CA GLU B 12 30.47 8.53 -6.68
C GLU B 12 30.07 9.61 -7.65
N LEU B 13 29.55 9.20 -8.79
CA LEU B 13 29.18 10.17 -9.85
C LEU B 13 28.11 11.13 -9.33
N PRO B 14 28.19 12.42 -9.69
CA PRO B 14 27.24 13.40 -9.23
C PRO B 14 25.77 13.03 -9.39
N ARG B 15 25.50 12.42 -10.52
CA ARG B 15 24.12 12.19 -10.97
C ARG B 15 23.65 10.78 -10.68
N ILE B 16 24.44 10.10 -9.86
CA ILE B 16 24.15 8.69 -9.47
C ILE B 16 22.92 8.62 -8.56
N HIS B 17 22.10 7.62 -8.82
CA HIS B 17 20.94 7.34 -7.99
C HIS B 17 21.38 6.58 -6.74
N PRO B 18 20.77 6.86 -5.58
CA PRO B 18 21.21 6.19 -4.36
C PRO B 18 21.27 4.68 -4.37
N VAL B 19 20.29 4.06 -5.02
CA VAL B 19 20.20 2.60 -5.14
CA VAL B 19 20.22 2.61 -5.09
C VAL B 19 21.36 2.09 -5.98
N ALA B 20 21.63 2.84 -7.03
CA ALA B 20 22.75 2.53 -7.95
C ALA B 20 24.09 2.66 -7.23
N SER B 21 24.19 3.71 -6.41
CA SER B 21 25.43 3.95 -5.67
C SER B 21 25.70 2.84 -4.66
N LYS B 22 24.64 2.45 -3.97
CA LYS B 22 24.71 1.34 -3.00
C LYS B 22 25.19 0.05 -3.67
N LEU B 23 24.58 -0.22 -4.80
CA LEU B 23 24.92 -1.43 -5.58
C LEU B 23 26.38 -1.41 -6.00
N LEU B 24 26.75 -0.29 -6.58
CA LEU B 24 28.11 -0.15 -7.15
C LEU B 24 29.19 -0.29 -6.09
N ARG B 25 28.88 0.23 -4.92
CA ARG B 25 29.83 0.18 -3.79
C ARG B 25 30.06 -1.25 -3.33
N LEU B 26 28.97 -2.01 -3.24
CA LEU B 26 29.08 -3.40 -2.75
C LEU B 26 29.70 -4.28 -3.82
N MET B 27 29.47 -3.92 -5.07
CA MET B 27 30.10 -4.64 -6.19
C MET B 27 31.61 -4.55 -6.04
N GLN B 28 32.05 -3.33 -5.77
CA GLN B 28 33.49 -3.04 -5.68
C GLN B 28 34.09 -3.74 -4.45
N LYS B 29 33.33 -3.67 -3.37
CA LYS B 29 33.76 -4.20 -2.06
C LYS B 29 33.96 -5.70 -2.14
N LYS B 30 33.01 -6.33 -2.81
CA LYS B 30 32.89 -7.80 -2.81
C LYS B 30 33.49 -8.43 -4.04
N GLU B 31 33.94 -7.57 -4.94
CA GLU B 31 34.48 -7.97 -6.26
C GLU B 31 33.52 -8.94 -6.96
N THR B 32 32.27 -8.50 -7.01
CA THR B 32 31.25 -9.25 -7.76
C THR B 32 30.30 -8.37 -8.56
N ASN B 33 30.10 -8.80 -9.80
CA ASN B 33 29.13 -8.22 -10.72
C ASN B 33 28.20 -9.31 -11.28
N LEU B 34 27.96 -10.24 -10.38
CA LEU B 34 27.04 -11.39 -10.59
C LEU B 34 25.72 -11.22 -9.84
N CYS B 35 24.65 -11.33 -10.63
CA CYS B 35 23.28 -11.41 -10.17
C CYS B 35 22.81 -12.85 -10.34
N LEU B 36 22.50 -13.47 -9.21
CA LEU B 36 21.89 -14.81 -9.20
C LEU B 36 20.39 -14.70 -9.50
N SER B 37 19.96 -15.49 -10.46
CA SER B 37 18.55 -15.66 -10.80
C SER B 37 18.08 -16.94 -10.15
N ALA B 38 17.25 -16.77 -9.15
CA ALA B 38 16.76 -17.91 -8.35
C ALA B 38 15.32 -18.28 -8.66
N ASP B 39 15.13 -19.01 -9.75
N ASP B 39 15.12 -18.90 -9.81
CA ASP B 39 13.79 -19.37 -10.29
CA ASP B 39 13.81 -19.33 -10.29
C ASP B 39 13.21 -20.67 -9.74
C ASP B 39 13.60 -20.68 -9.64
N VAL B 40 12.98 -20.63 -8.46
CA VAL B 40 12.73 -21.83 -7.66
C VAL B 40 11.27 -21.78 -7.26
N SER B 41 10.76 -22.96 -6.93
CA SER B 41 9.34 -23.12 -6.65
CA SER B 41 9.33 -23.13 -6.63
C SER B 41 9.00 -23.08 -5.16
N LEU B 42 10.04 -23.18 -4.35
CA LEU B 42 9.88 -23.19 -2.86
C LEU B 42 10.64 -22.09 -2.15
N ALA B 43 9.94 -21.47 -1.24
CA ALA B 43 10.50 -20.38 -0.42
C ALA B 43 11.78 -20.83 0.27
N ARG B 44 11.76 -22.07 0.70
CA ARG B 44 12.89 -22.59 1.48
C ARG B 44 14.15 -22.64 0.64
N GLU B 45 13.94 -22.97 -0.63
CA GLU B 45 15.03 -23.08 -1.59
C GLU B 45 15.59 -21.70 -1.93
N LEU B 46 14.69 -20.74 -2.03
CA LEU B 46 15.10 -19.36 -2.31
C LEU B 46 16.02 -18.86 -1.20
N LEU B 47 15.61 -19.12 0.03
CA LEU B 47 16.34 -18.65 1.20
C LEU B 47 17.67 -19.37 1.37
N GLN B 48 17.62 -20.65 1.11
CA GLN B 48 18.82 -21.51 1.17
C GLN B 48 19.90 -21.06 0.19
N LEU B 49 19.45 -20.77 -1.02
CA LEU B 49 20.37 -20.33 -2.08
C LEU B 49 20.91 -18.93 -1.80
N ALA B 50 20.05 -18.08 -1.29
CA ALA B 50 20.40 -16.70 -0.99
C ALA B 50 21.46 -16.66 0.09
N ASP B 51 21.30 -17.55 1.05
CA ASP B 51 22.23 -17.62 2.20
C ASP B 51 23.60 -18.18 1.76
N ALA B 52 23.54 -19.23 0.97
CA ALA B 52 24.77 -19.94 0.55
C ALA B 52 25.58 -19.15 -0.44
N LEU B 53 24.86 -18.46 -1.31
CA LEU B 53 25.50 -17.78 -2.46
C LEU B 53 25.65 -16.28 -2.27
N GLY B 54 25.02 -15.78 -1.22
CA GLY B 54 25.05 -14.34 -0.95
C GLY B 54 26.42 -13.71 -1.00
N PRO B 55 27.44 -14.38 -0.44
CA PRO B 55 28.76 -13.75 -0.42
C PRO B 55 29.37 -13.51 -1.82
N SER B 56 28.83 -14.24 -2.78
CA SER B 56 29.36 -14.26 -4.16
C SER B 56 28.66 -13.36 -5.16
N ILE B 57 27.55 -12.78 -4.71
CA ILE B 57 26.64 -12.01 -5.58
C ILE B 57 26.46 -10.58 -5.12
N CYS B 58 26.14 -9.74 -6.10
CA CYS B 58 25.82 -8.32 -5.87
C CYS B 58 24.32 -8.13 -5.78
N MET B 59 23.62 -9.17 -6.21
CA MET B 59 22.16 -9.05 -6.42
C MET B 59 21.54 -10.43 -6.58
N LEU B 60 20.33 -10.50 -6.09
CA LEU B 60 19.48 -11.66 -6.23
CA LEU B 60 19.46 -11.67 -6.22
C LEU B 60 18.22 -11.26 -6.95
N LYS B 61 17.98 -11.92 -8.07
CA LYS B 61 16.78 -11.68 -8.90
C LYS B 61 15.75 -12.75 -8.59
N THR B 62 14.59 -12.27 -8.22
CA THR B 62 13.41 -13.07 -7.84
C THR B 62 12.32 -13.05 -8.89
N HIS B 63 11.57 -14.14 -8.87
CA HIS B 63 10.26 -14.24 -9.53
C HIS B 63 9.29 -14.76 -8.49
N VAL B 64 8.79 -13.86 -7.68
CA VAL B 64 8.01 -14.28 -6.51
C VAL B 64 6.77 -15.07 -6.90
N ASP B 65 6.28 -14.82 -8.10
CA ASP B 65 5.06 -15.49 -8.58
C ASP B 65 5.29 -16.96 -8.87
N ILE B 66 6.54 -17.36 -9.02
CA ILE B 66 6.89 -18.77 -9.28
C ILE B 66 6.95 -19.56 -7.98
N LEU B 67 7.04 -18.86 -6.86
CA LEU B 67 7.03 -19.52 -5.52
C LEU B 67 5.66 -20.07 -5.21
N ASN B 68 5.61 -21.35 -4.95
CA ASN B 68 4.36 -22.02 -4.64
C ASN B 68 3.81 -21.53 -3.31
N ASP B 69 4.71 -21.01 -2.51
CA ASP B 69 4.41 -20.71 -1.09
C ASP B 69 4.90 -19.35 -0.65
N PHE B 70 4.79 -18.44 -1.58
CA PHE B 70 5.06 -17.03 -1.27
C PHE B 70 4.21 -16.56 -0.09
N THR B 71 4.90 -15.90 0.81
CA THR B 71 4.29 -14.98 1.80
C THR B 71 5.21 -13.78 2.02
N LEU B 72 4.66 -12.78 2.66
CA LEU B 72 5.43 -11.57 3.00
C LEU B 72 6.52 -11.91 4.01
N ASP B 73 6.31 -13.00 4.75
CA ASP B 73 7.30 -13.43 5.75
CA ASP B 73 7.32 -13.41 5.74
C ASP B 73 8.55 -13.99 5.08
N VAL B 74 8.33 -14.56 3.91
CA VAL B 74 9.46 -15.06 3.11
C VAL B 74 10.37 -13.89 2.76
N MET B 75 9.72 -12.79 2.42
CA MET B 75 10.43 -11.57 1.98
CA MET B 75 10.44 -11.58 1.97
C MET B 75 11.13 -10.91 3.16
N LYS B 76 10.49 -11.01 4.31
CA LYS B 76 11.09 -10.55 5.60
C LYS B 76 12.44 -11.21 5.80
N GLU B 77 12.42 -12.51 5.59
CA GLU B 77 13.63 -13.34 5.75
C GLU B 77 14.68 -13.04 4.68
N LEU B 78 14.20 -12.78 3.46
CA LEU B 78 15.11 -12.46 2.36
C LEU B 78 15.82 -11.13 2.63
N ILE B 79 15.06 -10.19 3.14
CA ILE B 79 15.61 -8.86 3.49
C ILE B 79 16.76 -9.04 4.48
N THR B 80 16.53 -9.91 5.45
CA THR B 80 17.56 -10.16 6.47
C THR B 80 18.84 -10.69 5.85
N LEU B 81 18.69 -11.63 4.93
CA LEU B 81 19.83 -12.22 4.23
C LEU B 81 20.54 -11.20 3.36
N ALA B 82 19.74 -10.37 2.72
CA ALA B 82 20.28 -9.36 1.79
C ALA B 82 21.13 -8.34 2.55
N LYS B 83 20.68 -8.02 3.74
CA LYS B 83 21.40 -7.05 4.59
C LYS B 83 22.68 -7.67 5.12
N CYS B 84 22.56 -8.92 5.52
CA CYS B 84 23.68 -9.68 6.12
C CYS B 84 24.82 -9.86 5.13
N HIS B 85 24.47 -10.38 3.99
CA HIS B 85 25.45 -10.73 2.96
C HIS B 85 25.83 -9.60 2.01
N GLU B 86 25.03 -8.57 2.07
CA GLU B 86 25.16 -7.37 1.22
C GLU B 86 24.90 -7.61 -0.27
N PHE B 87 23.65 -7.75 -0.58
CA PHE B 87 23.20 -7.78 -1.99
C PHE B 87 21.84 -7.10 -2.12
N LEU B 88 21.56 -6.62 -3.31
CA LEU B 88 20.23 -6.05 -3.61
CA LEU B 88 20.23 -6.04 -3.63
C LEU B 88 19.26 -7.12 -4.08
N ILE B 89 17.99 -6.84 -3.84
CA ILE B 89 16.87 -7.68 -4.30
C ILE B 89 16.22 -7.03 -5.49
N PHE B 90 16.19 -7.78 -6.58
CA PHE B 90 15.59 -7.35 -7.86
C PHE B 90 14.47 -8.30 -8.22
N GLU B 91 13.24 -7.81 -8.17
CA GLU B 91 12.08 -8.63 -8.61
C GLU B 91 11.83 -8.35 -10.09
N ASP B 92 11.90 -9.44 -10.83
CA ASP B 92 11.81 -9.45 -12.32
C ASP B 92 10.35 -9.48 -12.76
N ARG B 93 9.66 -8.43 -12.37
CA ARG B 93 8.21 -8.34 -12.49
C ARG B 93 7.74 -8.01 -13.91
N LYS B 94 8.60 -7.36 -14.66
CA LYS B 94 8.27 -7.01 -16.06
C LYS B 94 6.92 -6.27 -16.18
N PHE B 95 6.81 -5.22 -15.39
CA PHE B 95 5.62 -4.35 -15.46
C PHE B 95 5.45 -3.92 -16.92
N ALA B 96 4.24 -3.95 -17.44
CA ALA B 96 4.08 -3.83 -18.90
C ALA B 96 2.69 -3.40 -19.31
N ASP B 97 2.16 -2.44 -18.58
CA ASP B 97 0.83 -1.89 -18.84
C ASP B 97 0.75 -0.43 -18.45
N ILE B 98 -0.48 0.07 -18.56
CA ILE B 98 -0.73 1.49 -18.28
C ILE B 98 -0.34 1.82 -16.86
N GLY B 99 0.03 3.08 -16.68
CA GLY B 99 0.53 3.54 -15.38
C GLY B 99 -0.39 3.26 -14.21
N ASN B 100 -1.68 3.45 -14.43
CA ASN B 100 -2.65 3.28 -13.35
C ASN B 100 -2.66 1.88 -12.80
N THR B 101 -2.46 0.93 -13.71
CA THR B 101 -2.45 -0.49 -13.35
C THR B 101 -1.12 -0.88 -12.70
N VAL B 102 -0.02 -0.50 -13.31
CA VAL B 102 1.29 -0.95 -12.78
C VAL B 102 1.56 -0.38 -11.38
N LYS B 103 1.02 0.80 -11.14
CA LYS B 103 1.15 1.43 -9.80
C LYS B 103 0.61 0.51 -8.73
N LYS B 104 -0.56 -0.05 -9.03
CA LYS B 104 -1.23 -1.00 -8.14
C LYS B 104 -0.48 -2.30 -7.99
N GLN B 105 0.04 -2.76 -9.11
CA GLN B 105 0.79 -4.03 -9.15
C GLN B 105 2.11 -3.93 -8.40
N TYR B 106 2.59 -2.72 -8.24
CA TYR B 106 3.90 -2.46 -7.61
C TYR B 106 3.73 -2.24 -6.11
N GLU B 107 2.71 -1.47 -5.77
CA GLU B 107 2.52 -1.08 -4.37
C GLU B 107 1.83 -2.12 -3.55
N GLY B 108 0.84 -2.71 -4.18
CA GLY B 108 -0.21 -3.42 -3.43
C GLY B 108 -0.30 -4.88 -3.69
N GLY B 109 -1.52 -5.33 -3.56
CA GLY B 109 -1.81 -6.70 -3.82
C GLY B 109 -1.09 -7.65 -2.92
N ILE B 110 -1.05 -8.87 -3.40
N ILE B 110 -1.06 -8.87 -3.38
CA ILE B 110 -0.51 -9.98 -2.63
CA ILE B 110 -0.51 -9.97 -2.61
C ILE B 110 1.01 -9.85 -2.34
C ILE B 110 1.00 -9.84 -2.33
N PHE B 111 1.73 -9.30 -3.29
CA PHE B 111 3.22 -9.34 -3.22
C PHE B 111 3.84 -8.13 -2.53
N LYS B 112 3.11 -7.04 -2.55
CA LYS B 112 3.59 -5.74 -2.04
C LYS B 112 5.06 -5.50 -2.41
N ILE B 113 5.31 -5.57 -3.71
CA ILE B 113 6.68 -5.57 -4.24
C ILE B 113 7.51 -4.37 -3.78
N ALA B 114 6.93 -3.20 -3.80
CA ALA B 114 7.68 -1.96 -3.50
C ALA B 114 8.20 -1.95 -2.08
N SER B 115 7.58 -2.76 -1.25
CA SER B 115 7.93 -2.78 0.19
C SER B 115 9.24 -3.48 0.45
N TRP B 116 9.67 -4.31 -0.50
CA TRP B 116 10.90 -5.13 -0.32
C TRP B 116 11.91 -5.17 -1.47
N ALA B 117 11.48 -4.85 -2.68
CA ALA B 117 12.39 -4.91 -3.85
C ALA B 117 13.16 -3.61 -4.05
N ASP B 118 14.48 -3.70 -3.99
CA ASP B 118 15.33 -2.55 -4.31
C ASP B 118 15.12 -2.11 -5.75
N LEU B 119 14.99 -3.14 -6.58
CA LEU B 119 14.88 -2.97 -8.05
C LEU B 119 13.75 -3.79 -8.62
N VAL B 120 13.11 -3.18 -9.60
CA VAL B 120 12.15 -3.85 -10.51
C VAL B 120 12.44 -3.45 -11.92
N ASN B 121 11.85 -4.16 -12.83
CA ASN B 121 11.96 -3.84 -14.26
C ASN B 121 10.61 -3.64 -14.91
N ALA B 122 10.68 -2.95 -16.05
CA ALA B 122 9.49 -2.64 -16.86
C ALA B 122 9.80 -2.72 -18.33
N HIS B 123 8.83 -3.24 -19.05
CA HIS B 123 8.84 -3.15 -20.51
C HIS B 123 8.39 -1.77 -20.93
N VAL B 124 8.95 -1.29 -22.04
CA VAL B 124 8.73 0.08 -22.52
C VAL B 124 7.61 0.18 -23.52
N VAL B 125 7.13 -0.98 -23.94
CA VAL B 125 6.06 -1.02 -24.95
C VAL B 125 4.81 -0.16 -24.64
N PRO B 126 4.42 0.02 -23.36
CA PRO B 126 3.23 0.84 -23.18
C PRO B 126 3.40 2.34 -23.28
N GLY B 127 4.64 2.76 -23.48
CA GLY B 127 4.99 4.17 -23.35
C GLY B 127 5.28 4.56 -21.91
N SER B 128 5.67 5.82 -21.76
CA SER B 128 6.31 6.27 -20.52
C SER B 128 5.40 6.28 -19.30
N GLY B 129 4.11 6.14 -19.55
CA GLY B 129 3.15 6.00 -18.46
C GLY B 129 3.46 4.83 -17.54
N VAL B 130 4.11 3.82 -18.09
CA VAL B 130 4.47 2.66 -17.26
C VAL B 130 5.46 3.10 -16.18
N VAL B 131 6.38 3.97 -16.60
CA VAL B 131 7.42 4.48 -15.68
C VAL B 131 6.80 5.46 -14.69
N LYS B 132 5.92 6.30 -15.20
CA LYS B 132 5.30 7.33 -14.37
CA LYS B 132 5.30 7.32 -14.36
C LYS B 132 4.51 6.70 -13.23
N GLY B 133 3.80 5.65 -13.54
CA GLY B 133 3.01 4.96 -12.55
C GLY B 133 3.85 4.34 -11.46
N LEU B 134 4.92 3.67 -11.88
CA LEU B 134 5.81 3.03 -10.91
C LEU B 134 6.53 4.07 -10.06
N GLN B 135 6.90 5.15 -10.71
CA GLN B 135 7.74 6.21 -10.08
C GLN B 135 7.02 6.86 -8.91
N GLU B 136 5.71 6.93 -9.03
CA GLU B 136 4.87 7.58 -8.02
C GLU B 136 4.99 6.86 -6.70
N VAL B 137 5.22 5.57 -6.82
CA VAL B 137 5.34 4.68 -5.65
C VAL B 137 6.77 4.61 -5.16
N GLY B 138 7.65 4.42 -6.13
CA GLY B 138 9.04 4.03 -5.84
C GLY B 138 10.02 5.15 -5.56
N LEU B 139 9.76 6.28 -6.20
CA LEU B 139 10.68 7.42 -6.10
CA LEU B 139 10.68 7.42 -6.11
C LEU B 139 10.92 7.86 -4.65
N PRO B 140 9.83 8.05 -3.89
CA PRO B 140 10.07 8.59 -2.57
C PRO B 140 10.54 7.58 -1.55
N LEU B 141 10.70 6.36 -2.03
CA LEU B 141 11.17 5.21 -1.21
C LEU B 141 12.56 4.77 -1.61
N HIS B 142 13.14 5.57 -2.47
CA HIS B 142 14.53 5.35 -2.92
C HIS B 142 14.70 3.98 -3.57
N ARG B 143 13.64 3.56 -4.19
CA ARG B 143 13.70 2.38 -5.08
C ARG B 143 14.14 2.79 -6.46
N GLY B 144 14.55 1.78 -7.23
CA GLY B 144 14.93 1.97 -8.63
C GLY B 144 14.28 1.01 -9.57
N CYS B 145 14.34 1.40 -10.84
CA CYS B 145 13.73 0.64 -11.93
C CYS B 145 14.70 0.47 -13.06
N LEU B 146 14.60 -0.68 -13.70
CA LEU B 146 15.35 -1.03 -14.94
C LEU B 146 14.40 -1.16 -16.10
N LEU B 147 14.76 -0.53 -17.23
CA LEU B 147 13.96 -0.64 -18.48
C LEU B 147 14.55 -1.72 -19.35
N ILE B 148 13.64 -2.52 -19.87
CA ILE B 148 14.01 -3.65 -20.75
C ILE B 148 14.22 -3.12 -22.16
N ALA B 149 15.48 -2.90 -22.45
CA ALA B 149 15.91 -2.29 -23.73
C ALA B 149 16.21 -3.31 -24.82
N GLU B 150 16.66 -4.46 -24.35
CA GLU B 150 16.94 -5.65 -25.20
C GLU B 150 16.59 -6.90 -24.46
N MET B 151 16.20 -7.93 -25.20
CA MET B 151 15.96 -9.26 -24.60
C MET B 151 16.89 -10.33 -25.15
N SER B 152 17.01 -11.40 -24.38
CA SER B 152 17.98 -12.47 -24.69
C SER B 152 17.45 -13.55 -25.64
N SER B 153 16.17 -13.50 -25.89
CA SER B 153 15.48 -14.60 -26.62
C SER B 153 15.42 -14.43 -28.12
N THR B 154 15.35 -15.58 -28.77
N THR B 154 15.35 -15.58 -28.78
CA THR B 154 15.25 -15.65 -30.25
CA THR B 154 15.27 -15.63 -30.23
C THR B 154 13.97 -14.97 -30.70
C THR B 154 13.98 -14.98 -30.71
N GLY B 155 14.16 -14.05 -31.63
CA GLY B 155 13.06 -13.34 -32.26
C GLY B 155 12.64 -12.08 -31.51
N SER B 156 13.39 -11.76 -30.47
CA SER B 156 13.14 -10.50 -29.70
C SER B 156 12.89 -9.33 -30.62
N LEU B 157 11.88 -8.56 -30.30
CA LEU B 157 11.51 -7.33 -31.02
C LEU B 157 12.12 -6.08 -30.40
N ALA B 158 12.85 -6.29 -29.31
CA ALA B 158 13.50 -5.19 -28.57
C ALA B 158 14.85 -4.84 -29.18
N THR B 159 14.73 -4.24 -30.35
CA THR B 159 15.87 -3.90 -31.22
C THR B 159 15.65 -2.54 -31.86
N GLY B 160 16.72 -2.04 -32.43
CA GLY B 160 16.61 -0.83 -33.25
C GLY B 160 15.94 0.32 -32.53
N ASP B 161 14.93 0.86 -33.18
CA ASP B 161 14.19 2.01 -32.64
C ASP B 161 13.55 1.74 -31.28
N TYR B 162 13.23 0.47 -31.02
CA TYR B 162 12.59 0.08 -29.75
C TYR B 162 13.58 0.30 -28.62
N THR B 163 14.76 -0.24 -28.83
CA THR B 163 15.89 -0.05 -27.90
C THR B 163 16.19 1.42 -27.65
N ARG B 164 16.19 2.19 -28.73
CA ARG B 164 16.48 3.63 -28.62
C ARG B 164 15.42 4.34 -27.78
N ALA B 165 14.20 3.88 -27.94
CA ALA B 165 13.07 4.44 -27.17
C ALA B 165 13.22 4.15 -25.68
N ALA B 166 13.73 2.97 -25.38
CA ALA B 166 13.93 2.58 -23.96
C ALA B 166 14.98 3.46 -23.31
N VAL B 167 16.02 3.75 -24.09
CA VAL B 167 17.14 4.57 -23.58
C VAL B 167 16.66 5.99 -23.35
N ARG B 168 15.86 6.49 -24.28
CA ARG B 168 15.34 7.86 -24.12
C ARG B 168 14.45 7.96 -22.91
N MET B 169 13.62 6.94 -22.75
CA MET B 169 12.68 6.91 -21.63
C MET B 169 13.43 6.89 -20.30
N ALA B 170 14.54 6.18 -20.29
CA ALA B 170 15.37 6.04 -19.08
C ALA B 170 15.97 7.38 -18.71
N GLU B 171 16.53 7.99 -19.74
CA GLU B 171 17.28 9.23 -19.55
CA GLU B 171 17.23 9.29 -19.63
C GLU B 171 16.33 10.34 -19.06
N GLU B 172 15.09 10.22 -19.45
CA GLU B 172 14.06 11.21 -19.12
C GLU B 172 13.35 10.99 -17.80
N HIS B 173 13.73 9.90 -17.16
CA HIS B 173 13.19 9.50 -15.84
C HIS B 173 14.30 9.02 -14.93
N SER B 174 15.40 9.74 -14.99
CA SER B 174 16.67 9.33 -14.30
C SER B 174 16.61 9.41 -12.79
N GLU B 175 15.56 10.05 -12.30
CA GLU B 175 15.33 10.15 -10.85
C GLU B 175 14.88 8.81 -10.28
N PHE B 176 14.42 7.95 -11.20
CA PHE B 176 13.86 6.62 -10.81
C PHE B 176 14.46 5.44 -11.58
N VAL B 177 14.68 5.65 -12.86
CA VAL B 177 15.28 4.63 -13.72
C VAL B 177 16.80 4.67 -13.56
N VAL B 178 17.34 3.54 -13.15
CA VAL B 178 18.77 3.42 -12.81
C VAL B 178 19.56 2.59 -13.79
N GLY B 179 18.86 2.07 -14.78
CA GLY B 179 19.51 1.21 -15.76
C GLY B 179 18.59 0.39 -16.61
N PHE B 180 19.20 -0.64 -17.16
CA PHE B 180 18.59 -1.47 -18.19
C PHE B 180 18.79 -2.95 -17.97
N ILE B 181 17.80 -3.66 -18.51
CA ILE B 181 17.99 -5.05 -18.93
C ILE B 181 18.36 -4.96 -20.40
N SER B 182 19.53 -5.45 -20.71
CA SER B 182 20.04 -5.38 -22.09
C SER B 182 21.11 -6.43 -22.37
N GLY B 183 21.45 -6.57 -23.64
CA GLY B 183 22.49 -7.54 -24.05
C GLY B 183 23.87 -6.97 -24.14
N SER B 184 23.86 -5.67 -24.09
CA SER B 184 25.05 -4.85 -24.27
CA SER B 184 25.05 -4.83 -24.34
C SER B 184 24.88 -3.48 -23.69
N ARG B 185 25.95 -2.72 -23.71
CA ARG B 185 25.91 -1.31 -23.35
CA ARG B 185 25.90 -1.32 -23.34
C ARG B 185 24.99 -0.62 -24.35
N VAL B 186 23.95 0.05 -23.86
CA VAL B 186 23.00 0.77 -24.71
C VAL B 186 23.01 2.28 -24.46
N SER B 187 23.54 2.64 -23.30
CA SER B 187 23.71 4.05 -22.91
C SER B 187 25.15 4.31 -22.62
N MET B 188 25.58 5.48 -23.03
CA MET B 188 26.96 5.91 -22.85
C MET B 188 27.13 6.65 -21.53
N LYS B 189 26.01 6.84 -20.85
CA LYS B 189 26.00 7.55 -19.55
C LYS B 189 26.41 6.60 -18.41
N PRO B 190 27.52 6.88 -17.71
CA PRO B 190 28.00 5.85 -16.77
C PRO B 190 27.19 5.67 -15.50
N GLU B 191 26.23 6.57 -15.31
CA GLU B 191 25.32 6.53 -14.14
C GLU B 191 24.32 5.38 -14.26
N PHE B 192 24.16 4.89 -15.46
CA PHE B 192 23.22 3.78 -15.76
CA PHE B 192 23.22 3.81 -15.74
C PHE B 192 23.89 2.42 -15.69
N LEU B 193 23.18 1.52 -15.06
N LEU B 193 23.19 1.49 -15.05
CA LEU B 193 23.61 0.12 -14.94
CA LEU B 193 23.62 0.10 -14.95
C LEU B 193 23.05 -0.69 -16.10
C LEU B 193 23.05 -0.71 -16.09
N HIS B 194 23.86 -1.62 -16.57
CA HIS B 194 23.43 -2.60 -17.57
C HIS B 194 23.52 -4.00 -17.01
N LEU B 195 22.38 -4.67 -17.01
CA LEU B 195 22.23 -6.06 -16.53
C LEU B 195 21.82 -6.96 -17.67
N THR B 196 22.57 -8.05 -17.80
CA THR B 196 22.41 -8.94 -18.94
C THR B 196 22.12 -10.36 -18.57
N PRO B 197 20.88 -10.82 -18.86
CA PRO B 197 20.56 -12.24 -18.77
C PRO B 197 20.92 -12.95 -20.04
N GLY B 198 20.71 -14.25 -20.05
CA GLY B 198 21.18 -15.07 -21.18
C GLY B 198 22.68 -15.29 -21.18
N VAL B 199 23.17 -15.66 -20.01
CA VAL B 199 24.59 -15.89 -19.78
C VAL B 199 24.86 -17.30 -19.23
N GLN B 200 25.79 -17.97 -19.89
CA GLN B 200 26.40 -19.24 -19.42
C GLN B 200 27.84 -19.29 -19.91
N LEU B 201 28.66 -20.10 -19.26
CA LEU B 201 30.06 -20.23 -19.69
C LEU B 201 30.20 -20.83 -21.07
N GLU B 202 29.29 -21.77 -21.33
CA GLU B 202 29.23 -22.51 -22.60
C GLU B 202 28.25 -21.93 -23.60
N ALA B 203 28.61 -22.12 -24.85
CA ALA B 203 27.75 -21.75 -25.99
C ALA B 203 26.50 -22.55 -25.92
N GLY B 204 25.40 -21.89 -26.27
CA GLY B 204 24.15 -22.58 -26.45
C GLY B 204 22.91 -21.77 -26.20
N GLY B 205 21.91 -22.53 -25.84
CA GLY B 205 20.56 -22.03 -25.58
C GLY B 205 19.72 -23.03 -24.84
N ASP B 206 18.43 -22.77 -24.78
CA ASP B 206 17.50 -23.78 -24.30
C ASP B 206 16.56 -24.13 -25.43
N ASN B 207 15.57 -24.91 -25.11
CA ASN B 207 14.65 -25.40 -26.15
C ASN B 207 13.44 -24.52 -26.36
N LEU B 208 13.48 -23.37 -25.71
CA LEU B 208 12.35 -22.43 -25.70
C LEU B 208 12.81 -21.00 -25.93
N GLY B 209 13.83 -20.91 -26.75
CA GLY B 209 14.28 -19.64 -27.32
C GLY B 209 15.29 -18.81 -26.56
N GLN B 210 15.66 -19.31 -25.40
CA GLN B 210 16.76 -18.65 -24.65
C GLN B 210 18.07 -18.83 -25.41
N GLN B 211 18.84 -17.76 -25.46
CA GLN B 211 20.19 -17.77 -26.04
C GLN B 211 21.21 -17.36 -25.02
N TYR B 212 22.32 -18.07 -25.02
CA TYR B 212 23.42 -17.79 -24.09
C TYR B 212 24.67 -17.27 -24.77
N ASN B 213 25.23 -16.31 -24.07
CA ASN B 213 26.56 -15.76 -24.33
C ASN B 213 27.38 -15.78 -23.05
N SER B 214 28.69 -15.77 -23.22
CA SER B 214 29.62 -15.91 -22.10
C SER B 214 29.81 -14.59 -21.35
N PRO B 215 30.23 -14.69 -20.09
CA PRO B 215 30.57 -13.46 -19.35
C PRO B 215 31.60 -12.58 -20.04
N GLN B 216 32.62 -13.21 -20.58
CA GLN B 216 33.64 -12.45 -21.30
C GLN B 216 33.02 -11.69 -22.46
N GLU B 217 32.12 -12.34 -23.18
CA GLU B 217 31.47 -11.70 -24.34
C GLU B 217 30.58 -10.54 -23.91
N VAL B 218 29.74 -10.78 -22.92
CA VAL B 218 28.72 -9.77 -22.58
C VAL B 218 29.28 -8.58 -21.78
N ILE B 219 30.22 -8.86 -20.90
CA ILE B 219 30.83 -7.79 -20.08
C ILE B 219 32.00 -7.15 -20.80
N GLY B 220 32.85 -8.02 -21.27
CA GLY B 220 34.12 -7.62 -21.90
C GLY B 220 33.94 -6.99 -23.25
N LYS B 221 33.29 -7.72 -24.13
CA LYS B 221 33.15 -7.26 -25.51
C LYS B 221 31.98 -6.31 -25.70
N ARG B 222 30.86 -6.62 -25.06
CA ARG B 222 29.58 -5.91 -25.31
C ARG B 222 29.33 -4.76 -24.33
N GLY B 223 30.16 -4.72 -23.32
CA GLY B 223 30.22 -3.58 -22.41
C GLY B 223 29.14 -3.50 -21.34
N SER B 224 28.49 -4.60 -21.08
CA SER B 224 27.51 -4.64 -19.96
C SER B 224 28.22 -4.62 -18.60
N ASP B 225 27.44 -4.53 -17.54
CA ASP B 225 27.97 -4.35 -16.18
C ASP B 225 27.85 -5.59 -15.32
N ILE B 226 26.68 -6.20 -15.39
CA ILE B 226 26.29 -7.29 -14.49
C ILE B 226 25.69 -8.41 -15.32
N ILE B 227 26.12 -9.62 -15.01
CA ILE B 227 25.55 -10.85 -15.56
C ILE B 227 24.50 -11.41 -14.62
N ILE B 228 23.39 -11.81 -15.25
CA ILE B 228 22.28 -12.49 -14.59
C ILE B 228 22.31 -13.94 -15.04
N VAL B 229 22.51 -14.82 -14.07
CA VAL B 229 22.67 -16.27 -14.30
C VAL B 229 21.79 -17.08 -13.39
N GLY B 230 21.00 -17.90 -14.06
CA GLY B 230 20.07 -18.81 -13.44
C GLY B 230 20.56 -20.26 -13.46
N ARG B 231 20.04 -20.96 -14.46
CA ARG B 231 20.33 -22.39 -14.64
C ARG B 231 21.83 -22.72 -14.61
N GLY B 232 22.63 -21.82 -15.13
CA GLY B 232 24.07 -22.03 -15.15
C GLY B 232 24.68 -22.30 -13.80
N ILE B 233 24.06 -21.71 -12.79
CA ILE B 233 24.47 -21.91 -11.41
C ILE B 233 23.61 -22.97 -10.74
N ILE B 234 22.31 -22.78 -10.82
CA ILE B 234 21.38 -23.55 -10.01
C ILE B 234 21.41 -25.04 -10.34
N SER B 235 21.68 -25.32 -11.59
CA SER B 235 21.67 -26.70 -12.13
CA SER B 235 21.65 -26.71 -12.10
C SER B 235 22.96 -27.42 -11.85
N ALA B 236 23.96 -26.67 -11.47
CA ALA B 236 25.29 -27.26 -11.16
C ALA B 236 25.23 -28.16 -9.96
N ALA B 237 26.13 -29.14 -9.92
CA ALA B 237 26.22 -30.02 -8.76
C ALA B 237 26.57 -29.19 -7.55
N ASP B 238 27.63 -28.41 -7.72
CA ASP B 238 28.15 -27.52 -6.66
C ASP B 238 27.85 -26.07 -7.02
N ARG B 239 26.79 -25.56 -6.41
CA ARG B 239 26.28 -24.21 -6.71
C ARG B 239 27.25 -23.14 -6.27
N LEU B 240 27.98 -23.42 -5.22
CA LEU B 240 28.93 -22.45 -4.68
C LEU B 240 30.07 -22.24 -5.65
N GLU B 241 30.62 -23.36 -6.06
CA GLU B 241 31.72 -23.36 -7.05
CA GLU B 241 31.74 -23.33 -7.03
C GLU B 241 31.27 -22.68 -8.33
N ALA B 242 30.05 -22.99 -8.73
CA ALA B 242 29.52 -22.44 -9.98
C ALA B 242 29.41 -20.91 -9.88
N ALA B 243 28.85 -20.47 -8.75
CA ALA B 243 28.70 -19.02 -8.51
C ALA B 243 30.05 -18.33 -8.57
N GLU B 244 31.02 -18.98 -7.98
CA GLU B 244 32.39 -18.43 -7.93
C GLU B 244 33.03 -18.34 -9.29
N MET B 245 32.76 -19.34 -10.10
CA MET B 245 33.27 -19.37 -11.48
CA MET B 245 33.26 -19.38 -11.49
C MET B 245 32.69 -18.22 -12.28
N TYR B 246 31.39 -18.01 -12.11
CA TYR B 246 30.68 -16.94 -12.83
C TYR B 246 31.15 -15.56 -12.37
N ARG B 247 31.33 -15.45 -11.06
CA ARG B 247 31.78 -14.20 -10.46
C ARG B 247 33.15 -13.81 -10.98
N LYS B 248 34.03 -14.79 -10.97
CA LYS B 248 35.43 -14.56 -11.38
C LYS B 248 35.51 -14.18 -12.86
N ALA B 249 34.68 -14.85 -13.64
CA ALA B 249 34.60 -14.58 -15.09
C ALA B 249 34.10 -13.16 -15.35
N ALA B 250 33.01 -12.81 -14.70
CA ALA B 250 32.42 -11.48 -14.94
C ALA B 250 33.32 -10.36 -14.40
N TRP B 251 33.97 -10.64 -13.29
CA TRP B 251 34.82 -9.63 -12.61
C TRP B 251 36.03 -9.30 -13.49
N GLU B 252 36.68 -10.36 -13.96
CA GLU B 252 37.87 -10.21 -14.80
CA GLU B 252 37.89 -10.20 -14.79
C GLU B 252 37.56 -9.53 -16.11
N ALA B 253 36.40 -9.89 -16.65
CA ALA B 253 35.95 -9.27 -17.92
C ALA B 253 35.75 -7.76 -17.74
N TYR B 254 35.25 -7.41 -16.57
CA TYR B 254 35.05 -6.00 -16.24
C TYR B 254 36.39 -5.29 -16.10
N LEU B 255 37.30 -5.93 -15.42
CA LEU B 255 38.62 -5.31 -15.12
C LEU B 255 39.33 -4.97 -16.42
N SER B 256 38.95 -5.71 -17.44
CA SER B 256 39.66 -5.67 -18.74
C SER B 256 39.37 -4.41 -19.53
N ARG B 257 38.31 -3.73 -19.10
CA ARG B 257 37.83 -2.52 -19.76
CA ARG B 257 37.80 -2.51 -19.73
C ARG B 257 38.45 -1.28 -19.14
N LEU B 258 39.13 -1.48 -18.04
CA LEU B 258 39.58 -0.36 -17.20
C LEU B 258 40.91 0.27 -17.62
N GLY B 259 41.46 -0.25 -18.69
CA GLY B 259 42.67 0.35 -19.29
C GLY B 259 43.93 0.23 -18.48
N VAL B 260 45.02 0.58 -19.14
CA VAL B 260 46.38 0.46 -18.57
C VAL B 260 46.42 0.62 -17.05
N MET C 3 20.50 -7.61 36.36
CA MET C 3 21.79 -7.10 35.82
C MET C 3 21.52 -6.03 34.80
N GLU C 4 21.99 -4.83 35.10
CA GLU C 4 21.93 -3.70 34.15
C GLU C 4 22.99 -3.95 33.08
N LEU C 5 22.58 -3.69 31.87
CA LEU C 5 23.39 -3.88 30.68
C LEU C 5 23.53 -2.60 29.90
N SER C 6 24.69 -2.43 29.30
CA SER C 6 24.94 -1.33 28.36
C SER C 6 24.03 -1.47 27.16
N PHE C 7 23.82 -0.35 26.49
CA PHE C 7 23.01 -0.36 25.27
C PHE C 7 23.61 -1.34 24.25
N GLY C 8 24.93 -1.36 24.19
CA GLY C 8 25.63 -2.21 23.22
C GLY C 8 25.42 -3.67 23.50
N ALA C 9 25.37 -3.99 24.78
CA ALA C 9 25.14 -5.38 25.20
C ALA C 9 23.71 -5.78 24.93
N ARG C 10 22.81 -4.85 25.19
CA ARG C 10 21.38 -5.13 24.96
C ARG C 10 21.10 -5.36 23.49
N ALA C 11 21.88 -4.72 22.63
CA ALA C 11 21.78 -4.88 21.17
C ALA C 11 22.02 -6.32 20.74
N GLU C 12 22.67 -7.06 21.62
CA GLU C 12 23.15 -8.43 21.34
C GLU C 12 22.26 -9.49 21.96
N LEU C 13 21.25 -9.05 22.66
CA LEU C 13 20.35 -10.01 23.35
C LEU C 13 19.66 -10.97 22.36
N PRO C 14 19.58 -12.27 22.72
CA PRO C 14 18.98 -13.28 21.86
C PRO C 14 17.64 -12.90 21.25
N ARG C 15 16.82 -12.33 22.09
CA ARG C 15 15.41 -12.05 21.74
C ARG C 15 15.16 -10.63 21.25
N ILE C 16 16.26 -9.94 20.98
CA ILE C 16 16.17 -8.51 20.52
C ILE C 16 15.57 -8.41 19.11
N HIS C 17 14.66 -7.45 18.95
CA HIS C 17 14.11 -7.10 17.64
C HIS C 17 15.17 -6.38 16.78
N PRO C 18 15.22 -6.65 15.47
CA PRO C 18 16.23 -6.02 14.64
C PRO C 18 16.29 -4.51 14.69
N VAL C 19 15.13 -3.90 14.83
CA VAL C 19 15.03 -2.43 14.87
CA VAL C 19 15.05 -2.44 14.85
C VAL C 19 15.60 -1.91 16.16
N ALA C 20 15.32 -2.65 17.21
CA ALA C 20 15.82 -2.34 18.55
C ALA C 20 17.34 -2.49 18.60
N SER C 21 17.83 -3.54 17.97
CA SER C 21 19.27 -3.79 17.93
C SER C 21 19.98 -2.67 17.18
N LYS C 22 19.36 -2.25 16.09
CA LYS C 22 19.93 -1.19 15.26
C LYS C 22 20.06 0.10 16.06
N LEU C 23 18.96 0.40 16.74
CA LEU C 23 18.87 1.59 17.59
C LEU C 23 19.91 1.56 18.69
N LEU C 24 19.95 0.44 19.38
CA LEU C 24 20.86 0.27 20.53
C LEU C 24 22.33 0.42 20.13
N ARG C 25 22.65 -0.11 18.96
CA ARG C 25 24.03 -0.06 18.46
CA ARG C 25 24.03 -0.04 18.43
C ARG C 25 24.46 1.38 18.21
N LEU C 26 23.57 2.14 17.58
CA LEU C 26 23.87 3.53 17.20
C LEU C 26 23.87 4.42 18.42
N MET C 27 23.04 4.08 19.40
CA MET C 27 23.06 4.79 20.71
C MET C 27 24.44 4.68 21.34
N GLN C 28 24.92 3.46 21.34
CA GLN C 28 26.23 3.15 21.92
C GLN C 28 27.35 3.83 21.17
N LYS C 29 27.24 3.75 19.86
CA LYS C 29 28.30 4.28 18.97
C LYS C 29 28.44 5.78 19.13
N LYS C 30 27.28 6.41 19.18
CA LYS C 30 27.18 7.89 19.18
C LYS C 30 27.09 8.52 20.56
N GLU C 31 27.06 7.66 21.56
CA GLU C 31 26.85 8.05 22.96
C GLU C 31 25.67 9.01 23.12
N THR C 32 24.55 8.56 22.59
CA THR C 32 23.30 9.31 22.73
C THR C 32 22.09 8.42 22.94
N ASN C 33 21.31 8.85 23.93
CA ASN C 33 19.99 8.28 24.20
C ASN C 33 18.94 9.38 24.23
N LEU C 34 19.19 10.33 23.35
CA LEU C 34 18.28 11.48 23.11
C LEU C 34 17.48 11.31 21.81
N CYS C 35 16.17 11.43 21.97
CA CYS C 35 15.20 11.51 20.87
C CYS C 35 14.70 12.93 20.79
N LEU C 36 14.95 13.54 19.64
CA LEU C 36 14.46 14.91 19.36
C LEU C 36 13.03 14.83 18.90
N SER C 37 12.17 15.59 19.57
CA SER C 37 10.78 15.79 19.14
C SER C 37 10.69 17.08 18.34
N ALA C 38 10.48 16.91 17.07
CA ALA C 38 10.44 18.03 16.10
C ALA C 38 9.06 18.40 15.65
N ASP C 39 8.36 19.13 16.53
N ASP C 39 8.34 19.05 16.55
CA ASP C 39 6.93 19.50 16.35
CA ASP C 39 6.96 19.52 16.31
C ASP C 39 6.70 20.81 15.61
C ASP C 39 7.11 20.87 15.66
N VAL C 40 7.09 20.79 14.35
CA VAL C 40 7.23 21.98 13.51
C VAL C 40 6.20 21.92 12.45
N SER C 41 5.93 23.09 11.88
CA SER C 41 4.83 23.27 10.93
CA SER C 41 4.84 23.30 10.93
C SER C 41 5.27 23.25 9.47
N LEU C 42 6.56 23.37 9.27
CA LEU C 42 7.14 23.39 7.91
C LEU C 42 8.16 22.28 7.69
N ALA C 43 8.01 21.63 6.56
CA ALA C 43 8.91 20.53 6.15
C ALA C 43 10.37 20.99 6.16
N ARG C 44 10.58 22.21 5.73
CA ARG C 44 11.95 22.74 5.65
C ARG C 44 12.62 22.79 7.01
N GLU C 45 11.81 23.15 7.99
CA GLU C 45 12.27 23.25 9.39
C GLU C 45 12.63 21.88 9.94
N LEU C 46 11.78 20.92 9.60
CA LEU C 46 11.98 19.52 10.03
C LEU C 46 13.33 19.03 9.52
N LEU C 47 13.56 19.28 8.24
CA LEU C 47 14.78 18.79 7.58
C LEU C 47 16.01 19.51 8.10
N GLN C 48 15.84 20.80 8.33
CA GLN C 48 16.93 21.64 8.83
C GLN C 48 17.38 21.19 10.22
N LEU C 49 16.40 20.92 11.05
CA LEU C 49 16.67 20.48 12.42
C LEU C 49 17.30 19.09 12.43
N ALA C 50 16.76 18.24 11.57
CA ALA C 50 17.24 16.84 11.48
C ALA C 50 18.70 16.79 11.05
N ASP C 51 19.04 17.68 10.13
CA ASP C 51 20.41 17.76 9.58
C ASP C 51 21.36 18.31 10.63
N ALA C 52 20.91 19.35 11.32
CA ALA C 52 21.79 20.04 12.28
C ALA C 52 22.01 19.23 13.54
N LEU C 53 20.95 18.58 13.98
CA LEU C 53 20.95 17.91 15.30
C LEU C 53 21.17 16.39 15.20
N GLY C 54 21.14 15.92 13.96
CA GLY C 54 21.32 14.47 13.68
C GLY C 54 22.47 13.83 14.46
N PRO C 55 23.64 14.47 14.48
CA PRO C 55 24.77 13.85 15.15
C PRO C 55 24.62 13.63 16.65
N SER C 56 23.67 14.36 17.25
CA SER C 56 23.49 14.39 18.71
C SER C 56 22.38 13.47 19.20
N ILE C 57 21.65 12.91 18.24
CA ILE C 57 20.42 12.14 18.56
C ILE C 57 20.45 10.69 18.06
N CYS C 58 19.69 9.87 18.75
CA CYS C 58 19.51 8.46 18.35
C CYS C 58 18.25 8.26 17.54
N MET C 59 17.42 9.30 17.53
CA MET C 59 16.03 9.19 17.05
C MET C 59 15.43 10.56 16.88
N LEU C 60 14.62 10.66 15.83
CA LEU C 60 13.81 11.84 15.54
C LEU C 60 12.36 11.42 15.58
N LYS C 61 11.61 12.10 16.41
CA LYS C 61 10.17 11.85 16.55
C LYS C 61 9.42 12.90 15.80
N THR C 62 8.61 12.41 14.89
CA THR C 62 7.81 13.25 14.00
C THR C 62 6.34 13.23 14.38
N HIS C 63 5.70 14.32 13.98
CA HIS C 63 4.24 14.43 13.90
C HIS C 63 3.91 14.95 12.51
N VAL C 64 3.83 14.05 11.54
CA VAL C 64 3.74 14.51 10.15
C VAL C 64 2.45 15.27 9.86
N ASP C 65 1.43 15.01 10.67
CA ASP C 65 0.12 15.67 10.50
C ASP C 65 0.16 17.15 10.88
N ILE C 66 1.18 17.53 11.61
CA ILE C 66 1.37 18.94 12.01
C ILE C 66 2.07 19.75 10.91
N LEU C 67 2.68 19.04 9.97
CA LEU C 67 3.37 19.69 8.84
C LEU C 67 2.33 20.24 7.88
N ASN C 68 2.45 21.52 7.63
CA ASN C 68 1.52 22.20 6.75
C ASN C 68 1.64 21.71 5.33
N ASP C 69 2.83 21.22 5.04
CA ASP C 69 3.29 20.92 3.68
C ASP C 69 3.91 19.57 3.54
N PHE C 70 3.34 18.63 4.26
CA PHE C 70 3.73 17.23 4.10
C PHE C 70 3.57 16.76 2.65
N THR C 71 4.61 16.09 2.22
CA THR C 71 4.57 15.17 1.09
C THR C 71 5.50 13.99 1.31
N LEU C 72 5.31 12.99 0.47
CA LEU C 72 6.15 11.79 0.56
C LEU C 72 7.59 12.12 0.24
N ASP C 73 7.75 13.20 -0.50
CA ASP C 73 9.09 13.64 -0.90
CA ASP C 73 9.10 13.67 -0.89
C ASP C 73 9.85 14.16 0.33
N VAL C 74 9.12 14.76 1.24
CA VAL C 74 9.73 15.24 2.50
C VAL C 74 10.32 14.06 3.26
N MET C 75 9.60 12.95 3.22
CA MET C 75 10.02 11.73 3.95
CA MET C 75 10.02 11.76 3.98
C MET C 75 11.22 11.09 3.27
N LYS C 76 11.23 11.20 1.96
CA LYS C 76 12.38 10.71 1.15
C LYS C 76 13.65 11.38 1.64
N GLU C 77 13.53 12.67 1.84
CA GLU C 77 14.68 13.48 2.26
C GLU C 77 15.06 13.20 3.70
N LEU C 78 14.06 12.98 4.54
CA LEU C 78 14.30 12.67 5.96
C LEU C 78 15.03 11.32 6.11
N ILE C 79 14.66 10.39 5.24
CA ILE C 79 15.28 9.05 5.24
C ILE C 79 16.76 9.16 4.95
N THR C 80 17.04 10.03 4.01
CA THR C 80 18.44 10.25 3.58
C THR C 80 19.26 10.79 4.75
N LEU C 81 18.64 11.67 5.51
CA LEU C 81 19.30 12.31 6.65
C LEU C 81 19.46 11.32 7.77
N ALA C 82 18.45 10.51 7.97
CA ALA C 82 18.46 9.49 9.02
C ALA C 82 19.59 8.49 8.77
N LYS C 83 19.76 8.15 7.50
CA LYS C 83 20.81 7.19 7.11
C LYS C 83 22.20 7.81 7.27
N CYS C 84 22.29 9.06 6.89
CA CYS C 84 23.56 9.81 6.92
C CYS C 84 24.07 9.96 8.34
N HIS C 85 23.20 10.50 9.18
CA HIS C 85 23.56 10.83 10.56
C HIS C 85 23.43 9.69 11.55
N GLU C 86 22.72 8.68 11.08
CA GLU C 86 22.41 7.47 11.89
C GLU C 86 21.48 7.75 13.08
N PHE C 87 20.21 7.86 12.73
CA PHE C 87 19.11 7.90 13.73
C PHE C 87 17.89 7.24 13.15
N LEU C 88 17.04 6.77 14.03
CA LEU C 88 15.75 6.21 13.61
C LEU C 88 14.70 7.28 13.55
N ILE C 89 13.71 7.01 12.72
CA ILE C 89 12.52 7.83 12.59
C ILE C 89 11.36 7.19 13.32
N PHE C 90 10.79 7.95 14.23
CA PHE C 90 9.63 7.53 15.03
C PHE C 90 8.48 8.49 14.80
N GLU C 91 7.42 8.00 14.17
CA GLU C 91 6.19 8.80 13.97
C GLU C 91 5.25 8.53 15.14
N ASP C 92 4.97 9.62 15.83
CA ASP C 92 4.14 9.65 17.04
C ASP C 92 2.66 9.70 16.70
N ARG C 93 2.25 8.63 16.03
CA ARG C 93 0.90 8.51 15.47
C ARG C 93 -0.20 8.21 16.46
N LYS C 94 0.18 7.56 17.56
CA LYS C 94 -0.80 7.20 18.58
C LYS C 94 -2.01 6.48 17.99
N PHE C 95 -1.72 5.45 17.21
CA PHE C 95 -2.80 4.51 16.75
C PHE C 95 -3.66 4.09 17.94
N ALA C 96 -4.98 4.15 17.76
CA ALA C 96 -5.86 4.04 18.91
C ALA C 96 -7.29 3.63 18.59
N ASP C 97 -7.39 2.67 17.70
CA ASP C 97 -8.68 2.14 17.29
C ASP C 97 -8.57 0.68 16.94
N ILE C 98 -9.68 0.14 16.45
CA ILE C 98 -9.75 -1.27 16.05
C ILE C 98 -8.69 -1.60 15.00
N GLY C 99 -8.30 -2.87 15.00
CA GLY C 99 -7.23 -3.36 14.13
C GLY C 99 -7.45 -3.03 12.65
N ASN C 100 -8.69 -3.19 12.22
CA ASN C 100 -9.00 -3.04 10.79
C ASN C 100 -8.73 -1.63 10.30
N THR C 101 -8.97 -0.69 11.22
CA THR C 101 -8.79 0.73 10.96
C THR C 101 -7.32 1.12 11.01
N VAL C 102 -6.64 0.73 12.07
CA VAL C 102 -5.26 1.19 12.24
C VAL C 102 -4.36 0.58 11.18
N LYS C 103 -4.73 -0.59 10.70
CA LYS C 103 -3.96 -1.22 9.61
C LYS C 103 -3.89 -0.28 8.39
N LYS C 104 -5.06 0.29 8.10
CA LYS C 104 -5.21 1.21 6.95
C LYS C 104 -4.46 2.50 7.19
N GLN C 105 -4.51 2.94 8.43
CA GLN C 105 -3.92 4.22 8.84
C GLN C 105 -2.40 4.16 8.86
N TYR C 106 -1.89 2.95 8.97
CA TYR C 106 -0.46 2.67 9.06
C TYR C 106 0.16 2.46 7.68
N GLU C 107 -0.55 1.69 6.88
CA GLU C 107 -0.04 1.30 5.55
C GLU C 107 -0.27 2.36 4.50
N GLY C 108 -1.46 2.94 4.56
CA GLY C 108 -1.97 3.63 3.39
C GLY C 108 -2.19 5.08 3.59
N GLY C 109 -3.15 5.55 2.82
CA GLY C 109 -3.58 6.91 2.92
C GLY C 109 -2.46 7.85 2.54
N ILE C 110 -2.64 9.05 3.01
CA ILE C 110 -1.79 10.16 2.59
C ILE C 110 -0.32 10.06 3.08
N PHE C 111 -0.14 9.49 4.26
CA PHE C 111 1.17 9.53 4.92
C PHE C 111 2.04 8.34 4.63
N LYS C 112 1.38 7.25 4.30
CA LYS C 112 2.04 5.96 4.09
CA LYS C 112 2.05 5.96 4.09
C LYS C 112 3.12 5.72 5.14
N ILE C 113 2.70 5.81 6.38
CA ILE C 113 3.63 5.78 7.51
C ILE C 113 4.60 4.60 7.51
N ALA C 114 4.08 3.41 7.22
CA ALA C 114 4.86 2.18 7.34
C ALA C 114 6.02 2.17 6.34
N SER C 115 5.86 2.97 5.31
CA SER C 115 6.87 2.99 4.23
C SER C 115 8.15 3.70 4.66
N TRP C 116 8.07 4.49 5.74
CA TRP C 116 9.25 5.28 6.17
C TRP C 116 9.56 5.30 7.66
N ALA C 117 8.59 4.99 8.50
CA ALA C 117 8.78 5.06 9.97
C ALA C 117 9.34 3.76 10.54
N ASP C 118 10.50 3.87 11.16
CA ASP C 118 11.13 2.73 11.83
C ASP C 118 10.24 2.27 12.98
N LEU C 119 9.70 3.28 13.66
CA LEU C 119 8.88 3.10 14.88
C LEU C 119 7.62 3.93 14.79
N VAL C 120 6.56 3.34 15.31
CA VAL C 120 5.31 4.04 15.65
C VAL C 120 4.89 3.66 17.04
N ASN C 121 3.88 4.35 17.53
CA ASN C 121 3.28 4.01 18.81
C ASN C 121 1.78 3.81 18.72
N ALA C 122 1.30 3.13 19.74
CA ALA C 122 -0.13 2.81 19.87
C ALA C 122 -0.58 2.90 21.30
N HIS C 123 -1.78 3.43 21.46
CA HIS C 123 -2.52 3.34 22.72
C HIS C 123 -3.11 1.95 22.85
N VAL C 124 -3.12 1.47 24.09
CA VAL C 124 -3.57 0.09 24.36
C VAL C 124 -5.07 0.00 24.69
N VAL C 125 -5.69 1.16 24.82
CA VAL C 125 -7.11 1.21 25.17
C VAL C 125 -8.06 0.34 24.32
N PRO C 126 -7.80 0.17 22.99
CA PRO C 126 -8.75 -0.64 22.20
C PRO C 126 -8.64 -2.13 22.39
N GLY C 127 -7.69 -2.53 23.20
CA GLY C 127 -7.32 -3.95 23.29
C GLY C 127 -6.32 -4.35 22.20
N SER C 128 -5.91 -5.61 22.25
CA SER C 128 -4.75 -6.06 21.46
C SER C 128 -4.96 -6.07 19.96
N GLY C 129 -6.19 -5.90 19.54
CA GLY C 129 -6.51 -5.73 18.11
C GLY C 129 -5.74 -4.59 17.45
N VAL C 130 -5.46 -3.56 18.24
CA VAL C 130 -4.75 -2.39 17.72
C VAL C 130 -3.36 -2.84 17.25
N VAL C 131 -2.78 -3.71 18.05
CA VAL C 131 -1.43 -4.25 17.76
C VAL C 131 -1.46 -5.24 16.61
N LYS C 132 -2.47 -6.09 16.62
CA LYS C 132 -2.58 -7.12 15.59
CA LYS C 132 -2.59 -7.12 15.60
C LYS C 132 -2.71 -6.50 14.20
N GLY C 133 -3.46 -5.43 14.13
CA GLY C 133 -3.67 -4.74 12.86
C GLY C 133 -2.40 -4.10 12.32
N LEU C 134 -1.68 -3.45 13.22
CA LEU C 134 -0.42 -2.81 12.85
C LEU C 134 0.61 -3.85 12.45
N GLN C 135 0.60 -4.93 13.20
CA GLN C 135 1.64 -5.99 13.09
C GLN C 135 1.59 -6.61 11.72
N GLU C 136 0.39 -6.70 11.19
CA GLU C 136 0.19 -7.38 9.90
C GLU C 136 0.96 -6.66 8.84
N VAL C 137 1.07 -5.36 9.04
CA VAL C 137 1.75 -4.47 8.08
C VAL C 137 3.25 -4.42 8.38
N GLY C 138 3.54 -4.19 9.63
CA GLY C 138 4.91 -3.84 10.07
C GLY C 138 5.87 -4.98 10.26
N LEU C 139 5.33 -6.09 10.72
CA LEU C 139 6.15 -7.24 11.09
C LEU C 139 7.06 -7.65 9.92
N PRO C 140 6.47 -7.84 8.73
CA PRO C 140 7.31 -8.38 7.67
C PRO C 140 8.25 -7.38 7.05
N LEU C 141 8.18 -6.17 7.55
CA LEU C 141 9.02 -5.07 7.06
C LEU C 141 10.05 -4.63 8.08
N HIS C 142 10.12 -5.42 9.12
CA HIS C 142 11.10 -5.19 10.21
C HIS C 142 10.90 -3.83 10.87
N ARG C 143 9.66 -3.39 10.87
CA ARG C 143 9.28 -2.21 11.64
C ARG C 143 9.00 -2.60 13.07
N GLY C 144 9.02 -1.60 13.93
CA GLY C 144 8.67 -1.79 15.35
C GLY C 144 7.56 -0.87 15.84
N CYS C 145 7.01 -1.25 16.99
CA CYS C 145 5.97 -0.48 17.65
C CYS C 145 6.23 -0.32 19.14
N LEU C 146 5.84 0.84 19.62
CA LEU C 146 5.90 1.16 21.05
C LEU C 146 4.51 1.32 21.60
N LEU C 147 4.27 0.69 22.74
CA LEU C 147 2.94 0.79 23.43
C LEU C 147 2.98 1.87 24.50
N ILE C 148 1.93 2.68 24.53
CA ILE C 148 1.84 3.80 25.47
C ILE C 148 1.31 3.26 26.82
N ALA C 149 2.27 3.02 27.69
CA ALA C 149 2.06 2.43 29.02
C ALA C 149 1.78 3.45 30.11
N GLU C 150 2.40 4.62 29.93
CA GLU C 150 2.23 5.81 30.82
C GLU C 150 2.33 7.05 29.97
N MET C 151 1.60 8.08 30.39
CA MET C 151 1.70 9.40 29.74
C MET C 151 2.21 10.45 30.72
N SER C 152 2.68 11.54 30.13
CA SER C 152 3.38 12.60 30.91
C SER C 152 2.48 13.68 31.47
N SER C 153 1.22 13.62 31.07
CA SER C 153 0.29 14.73 31.34
C SER C 153 -0.51 14.56 32.60
N THR C 154 -0.91 15.71 33.09
CA THR C 154 -1.70 15.80 34.32
C THR C 154 -3.04 15.12 34.13
N GLY C 155 -3.33 14.22 35.03
CA GLY C 155 -4.59 13.47 35.00
C GLY C 155 -4.61 12.23 34.15
N SER C 156 -3.44 11.89 33.64
CA SER C 156 -3.29 10.65 32.87
C SER C 156 -3.96 9.47 33.55
N LEU C 157 -4.70 8.73 32.73
CA LEU C 157 -5.38 7.50 33.15
C LEU C 157 -4.53 6.27 32.90
N ALA C 158 -3.34 6.50 32.35
CA ALA C 158 -2.45 5.37 32.01
C ALA C 158 -1.60 4.97 33.21
N THR C 159 -2.30 4.40 34.16
CA THR C 159 -1.71 4.02 35.45
C THR C 159 -2.22 2.67 35.89
N GLY C 160 -1.57 2.18 36.93
CA GLY C 160 -2.04 0.96 37.57
C GLY C 160 -2.26 -0.19 36.63
N ASP C 161 -3.49 -0.67 36.63
CA ASP C 161 -3.87 -1.84 35.84
C ASP C 161 -3.73 -1.58 34.35
N TYR C 162 -3.87 -0.31 33.99
CA TYR C 162 -3.79 0.08 32.57
C TYR C 162 -2.37 -0.15 32.07
N THR C 163 -1.45 0.35 32.86
CA THR C 163 -0.01 0.21 32.58
C THR C 163 0.37 -1.27 32.51
N ARG C 164 -0.17 -2.03 33.45
CA ARG C 164 0.13 -3.48 33.51
C ARG C 164 -0.36 -4.19 32.24
N ALA C 165 -1.52 -3.74 31.79
CA ALA C 165 -2.15 -4.30 30.59
C ALA C 165 -1.27 -4.03 29.37
N ALA C 166 -0.68 -2.85 29.36
CA ALA C 166 0.20 -2.46 28.24
C ALA C 166 1.43 -3.34 28.19
N VAL C 167 1.93 -3.64 29.37
CA VAL C 167 3.16 -4.49 29.48
C VAL C 167 2.89 -5.91 29.00
N ARG C 168 1.72 -6.40 29.39
CA ARG C 168 1.27 -7.76 28.99
CA ARG C 168 1.25 -7.75 29.00
C ARG C 168 1.07 -7.82 27.49
N MET C 169 0.49 -6.77 26.96
CA MET C 169 0.22 -6.72 25.52
C MET C 169 1.55 -6.72 24.74
N ALA C 170 2.53 -6.01 25.27
CA ALA C 170 3.85 -5.92 24.63
C ALA C 170 4.50 -7.28 24.62
N GLU C 171 4.38 -7.94 25.75
CA GLU C 171 5.10 -9.20 25.95
CA GLU C 171 5.02 -9.26 26.00
C GLU C 171 4.49 -10.28 25.04
N GLU C 172 3.22 -10.11 24.75
CA GLU C 172 2.47 -11.07 23.95
C GLU C 172 2.66 -10.85 22.47
N HIS C 173 3.30 -9.73 22.15
CA HIS C 173 3.51 -9.31 20.76
C HIS C 173 4.94 -8.88 20.50
N SER C 174 5.86 -9.64 21.07
CA SER C 174 7.28 -9.22 21.13
C SER C 174 8.01 -9.27 19.81
N GLU C 175 7.35 -9.85 18.83
N GLU C 175 7.36 -9.84 18.83
CA GLU C 175 7.91 -9.96 17.49
CA GLU C 175 7.92 -9.96 17.48
C GLU C 175 7.76 -8.63 16.74
C GLU C 175 7.77 -8.63 16.75
N PHE C 176 6.96 -7.76 17.35
CA PHE C 176 6.65 -6.44 16.73
C PHE C 176 6.77 -5.24 17.68
N VAL C 177 6.33 -5.47 18.90
CA VAL C 177 6.40 -4.46 19.97
C VAL C 177 7.78 -4.50 20.55
N VAL C 178 8.46 -3.36 20.46
CA VAL C 178 9.88 -3.25 20.87
C VAL C 178 10.10 -2.44 22.14
N GLY C 179 9.01 -1.92 22.65
CA GLY C 179 9.05 -1.10 23.85
C GLY C 179 7.83 -0.29 24.12
N PHE C 180 8.09 0.77 24.87
CA PHE C 180 7.07 1.60 25.49
C PHE C 180 7.37 3.07 25.41
N ILE C 181 6.27 3.82 25.39
CA ILE C 181 6.26 5.20 25.86
C ILE C 181 5.84 5.08 27.33
N SER C 182 6.70 5.58 28.21
CA SER C 182 6.46 5.50 29.67
C SER C 182 7.25 6.55 30.41
N GLY C 183 6.95 6.70 31.67
CA GLY C 183 7.64 7.70 32.52
C GLY C 183 8.77 7.09 33.31
N SER C 184 8.77 5.78 33.26
CA SER C 184 9.69 4.96 34.04
CA SER C 184 9.64 4.94 34.07
C SER C 184 9.82 3.58 33.42
N ARG C 185 10.73 2.81 33.97
CA ARG C 185 10.87 1.40 33.59
C ARG C 185 9.56 0.74 34.00
N VAL C 186 8.96 0.04 33.05
CA VAL C 186 7.71 -0.70 33.31
C VAL C 186 7.83 -2.20 33.11
N SER C 187 8.90 -2.56 32.43
CA SER C 187 9.28 -3.97 32.24
C SER C 187 10.70 -4.18 32.62
N MET C 188 10.93 -5.35 33.21
CA MET C 188 12.25 -5.72 33.71
C MET C 188 13.01 -6.48 32.64
N LYS C 189 12.31 -6.71 31.54
CA LYS C 189 12.90 -7.42 30.36
C LYS C 189 13.78 -6.48 29.51
N PRO C 190 15.10 -6.76 29.41
CA PRO C 190 16.03 -5.78 28.84
C PRO C 190 15.91 -5.58 27.34
N GLU C 191 15.11 -6.43 26.73
CA GLU C 191 14.87 -6.39 25.27
C GLU C 191 13.96 -5.23 24.89
N PHE C 192 13.23 -4.77 25.88
CA PHE C 192 12.30 -3.65 25.67
C PHE C 192 12.95 -2.31 25.91
N LEU C 193 12.67 -1.41 25.00
CA LEU C 193 13.06 0.02 25.14
C LEU C 193 11.99 0.85 25.83
N HIS C 194 12.45 1.74 26.68
CA HIS C 194 11.59 2.71 27.35
C HIS C 194 11.95 4.12 26.91
N LEU C 195 10.97 4.79 26.33
CA LEU C 195 11.09 6.17 25.81
C LEU C 195 10.19 7.06 26.62
N THR C 196 10.79 8.15 27.12
CA THR C 196 10.11 9.05 28.06
C THR C 196 10.04 10.48 27.57
N PRO C 197 8.81 10.94 27.26
CA PRO C 197 8.57 12.36 27.02
C PRO C 197 8.23 13.06 28.32
N GLY C 198 8.05 14.36 28.22
CA GLY C 198 7.90 15.19 29.43
C GLY C 198 9.22 15.38 30.15
N VAL C 199 10.20 15.78 29.37
CA VAL C 199 11.57 15.99 29.85
C VAL C 199 12.08 17.39 29.55
N GLN C 200 12.57 18.01 30.60
CA GLN C 200 13.35 19.28 30.57
C GLN C 200 14.36 19.33 31.71
N LEU C 201 15.38 20.13 31.52
CA LEU C 201 16.47 20.23 32.51
C LEU C 201 15.93 20.85 33.79
N GLU C 202 15.01 21.76 33.54
CA GLU C 202 14.37 22.57 34.59
C GLU C 202 13.01 22.07 34.95
N ALA C 203 12.68 22.32 36.21
CA ALA C 203 11.37 22.01 36.78
C ALA C 203 10.30 22.83 36.13
N GLY C 204 9.20 22.16 35.91
CA GLY C 204 7.98 22.79 35.44
C GLY C 204 7.02 21.96 34.65
N GLY C 205 6.34 22.72 33.82
CA GLY C 205 5.27 22.19 32.97
C GLY C 205 4.93 23.20 31.91
N ASP C 206 3.86 22.94 31.20
CA ASP C 206 3.28 23.94 30.32
C ASP C 206 1.88 24.25 30.84
N ASN C 207 1.16 25.04 30.08
CA ASN C 207 -0.13 25.56 30.53
C ASN C 207 -1.30 24.70 30.12
N LEU C 208 -0.96 23.53 29.59
CA LEU C 208 -1.94 22.59 29.05
C LEU C 208 -1.63 21.17 29.46
N GLY C 209 -1.17 21.10 30.67
CA GLY C 209 -1.04 19.84 31.43
C GLY C 209 0.20 18.98 31.22
N GLN C 210 1.11 19.48 30.41
CA GLN C 210 2.41 18.79 30.25
C GLN C 210 3.17 18.93 31.57
N GLN C 211 3.79 17.85 31.99
CA GLN C 211 4.65 17.86 33.18
C GLN C 211 6.05 17.44 32.81
N TYR C 212 7.02 18.17 33.33
CA TYR C 212 8.43 17.90 33.08
C TYR C 212 9.16 17.37 34.27
N ASN C 213 10.02 16.44 33.93
CA ASN C 213 11.04 15.86 34.82
C ASN C 213 12.37 15.86 34.13
N SER C 214 13.41 15.80 34.93
CA SER C 214 14.75 15.91 34.37
C SER C 214 15.30 14.61 33.79
N PRO C 215 16.33 14.74 32.95
CA PRO C 215 16.93 13.51 32.43
C PRO C 215 17.50 12.64 33.53
N GLN C 216 18.10 13.27 34.53
CA GLN C 216 18.66 12.47 35.63
C GLN C 216 17.57 11.69 36.35
N GLU C 217 16.44 12.33 36.56
CA GLU C 217 15.31 11.67 37.24
C GLU C 217 14.73 10.54 36.44
N VAL C 218 14.52 10.80 35.17
CA VAL C 218 13.82 9.85 34.27
CA VAL C 218 13.79 9.82 34.33
C VAL C 218 14.68 8.64 33.93
N ILE C 219 15.93 8.91 33.62
CA ILE C 219 16.86 7.85 33.18
C ILE C 219 17.52 7.21 34.40
N GLY C 220 17.94 8.08 35.30
CA GLY C 220 18.73 7.66 36.47
C GLY C 220 17.94 7.00 37.56
N LYS C 221 16.92 7.71 38.00
CA LYS C 221 16.11 7.26 39.13
C LYS C 221 14.98 6.34 38.70
N ARG C 222 14.36 6.68 37.59
CA ARG C 222 13.12 5.99 37.17
C ARG C 222 13.36 4.85 36.20
N GLY C 223 14.60 4.76 35.75
CA GLY C 223 15.09 3.64 34.97
C GLY C 223 14.69 3.53 33.51
N SER C 224 14.32 4.66 32.95
CA SER C 224 14.01 4.72 31.49
C SER C 224 15.29 4.70 30.64
N ASP C 225 15.10 4.61 29.34
CA ASP C 225 16.23 4.41 28.41
C ASP C 225 16.57 5.64 27.59
N ILE C 226 15.52 6.25 27.07
CA ILE C 226 15.62 7.34 26.10
C ILE C 226 14.74 8.50 26.50
N ILE C 227 15.29 9.70 26.39
CA ILE C 227 14.50 10.91 26.64
C ILE C 227 14.02 11.51 25.33
N ILE C 228 12.78 11.92 25.33
CA ILE C 228 12.15 12.61 24.22
C ILE C 228 11.97 14.05 24.64
N VAL C 229 12.61 14.93 23.88
CA VAL C 229 12.67 16.38 24.16
C VAL C 229 12.30 17.18 22.94
N GLY C 230 11.25 17.99 23.12
CA GLY C 230 10.79 18.94 22.10
C GLY C 230 11.22 20.35 22.39
N ARG C 231 10.32 21.04 23.06
CA ARG C 231 10.49 22.47 23.35
C ARG C 231 11.80 22.81 24.06
N GLY C 232 12.24 21.92 24.93
CA GLY C 232 13.48 22.14 25.68
C GLY C 232 14.67 22.40 24.79
N ILE C 233 14.61 21.82 23.59
CA ILE C 233 15.65 22.02 22.56
C ILE C 233 15.24 23.09 21.56
N ILE C 234 14.07 22.89 20.96
CA ILE C 234 13.67 23.67 19.78
C ILE C 234 13.55 25.16 20.12
N SER C 235 13.13 25.42 21.35
CA SER C 235 12.87 26.80 21.81
CA SER C 235 12.86 26.80 21.81
C SER C 235 14.14 27.54 22.22
N ALA C 236 15.18 26.78 22.47
CA ALA C 236 16.47 27.38 22.87
C ALA C 236 17.03 28.26 21.77
N ALA C 237 17.80 29.24 22.17
CA ALA C 237 18.48 30.10 21.18
C ALA C 237 19.39 29.28 20.32
N ASP C 238 20.21 28.51 21.01
CA ASP C 238 21.21 27.64 20.38
C ASP C 238 20.77 26.19 20.50
N ARG C 239 20.20 25.67 19.44
CA ARG C 239 19.62 24.31 19.47
C ARG C 239 20.68 23.24 19.51
N LEU C 240 21.84 23.58 18.99
CA LEU C 240 22.97 22.64 18.92
C LEU C 240 23.41 22.38 20.35
N GLU C 241 23.61 23.47 21.06
CA GLU C 241 24.10 23.41 22.44
C GLU C 241 23.08 22.75 23.33
N ALA C 242 21.84 23.08 23.08
CA ALA C 242 20.77 22.52 23.90
C ALA C 242 20.71 21.01 23.72
N ALA C 243 20.80 20.58 22.47
CA ALA C 243 20.76 19.14 22.19
C ALA C 243 21.91 18.42 22.89
N GLU C 244 23.07 19.07 22.86
CA GLU C 244 24.26 18.48 23.49
C GLU C 244 24.11 18.40 25.00
N MET C 245 23.45 19.39 25.58
CA MET C 245 23.23 19.41 27.04
CA MET C 245 23.23 19.41 27.03
C MET C 245 22.33 18.25 27.42
N TYR C 246 21.29 18.06 26.63
CA TYR C 246 20.31 17.00 26.88
C TYR C 246 20.96 15.63 26.72
N ARG C 247 21.75 15.52 25.68
CA ARG C 247 22.46 14.27 25.38
C ARG C 247 23.38 13.89 26.52
N LYS C 248 24.19 14.84 26.96
CA LYS C 248 25.18 14.55 28.01
C LYS C 248 24.48 14.15 29.31
N ALA C 249 23.35 14.80 29.56
CA ALA C 249 22.56 14.59 30.79
C ALA C 249 22.01 13.16 30.77
N ALA C 250 21.41 12.81 29.67
CA ALA C 250 20.78 11.47 29.57
C ALA C 250 21.81 10.36 29.58
N TRP C 251 22.93 10.66 28.95
CA TRP C 251 23.96 9.65 28.71
C TRP C 251 24.62 9.31 30.03
N GLU C 252 24.95 10.34 30.77
CA GLU C 252 25.62 10.16 32.07
CA GLU C 252 25.60 10.19 32.09
C GLU C 252 24.68 9.53 33.08
N ALA C 253 23.41 9.85 32.97
CA ALA C 253 22.40 9.28 33.86
C ALA C 253 22.34 7.77 33.64
N TYR C 254 22.41 7.39 32.37
CA TYR C 254 22.42 5.98 31.97
CA TYR C 254 22.40 5.95 32.02
C TYR C 254 23.67 5.29 32.51
N LEU C 255 24.79 5.93 32.28
CA LEU C 255 26.11 5.35 32.66
C LEU C 255 26.08 5.04 34.16
N SER C 256 25.38 5.88 34.88
CA SER C 256 25.41 5.86 36.35
C SER C 256 24.85 4.55 36.89
N ARG C 257 24.08 3.91 36.04
CA ARG C 257 23.33 2.70 36.41
C ARG C 257 24.12 1.43 36.14
N LEU C 258 25.25 1.63 35.49
CA LEU C 258 26.09 0.50 35.03
C LEU C 258 27.25 0.22 35.97
N GLY C 259 27.49 1.22 36.79
CA GLY C 259 28.60 1.21 37.75
C GLY C 259 29.77 0.45 37.15
N MET D 3 -37.50 10.75 32.35
CA MET D 3 -38.35 11.06 31.16
C MET D 3 -37.57 11.03 29.87
N GLU D 4 -37.92 10.07 29.04
CA GLU D 4 -37.32 9.92 27.71
C GLU D 4 -37.92 10.99 26.80
N LEU D 5 -37.05 11.68 26.08
CA LEU D 5 -37.42 12.76 25.16
C LEU D 5 -37.02 12.43 23.74
N SER D 6 -37.82 12.89 22.81
CA SER D 6 -37.51 12.79 21.37
C SER D 6 -36.28 13.61 21.06
N PHE D 7 -35.71 13.33 19.91
CA PHE D 7 -34.52 14.06 19.45
C PHE D 7 -34.88 15.53 19.30
N GLY D 8 -36.09 15.77 18.82
CA GLY D 8 -36.53 17.14 18.56
C GLY D 8 -36.67 17.96 19.83
N ALA D 9 -37.13 17.29 20.88
CA ALA D 9 -37.26 17.92 22.20
C ALA D 9 -35.89 18.11 22.84
N ARG D 10 -35.02 17.13 22.65
CA ARG D 10 -33.67 17.25 23.21
C ARG D 10 -32.94 18.43 22.60
N ALA D 11 -33.28 18.71 21.35
CA ALA D 11 -32.67 19.85 20.63
C ALA D 11 -32.98 21.18 21.28
N GLU D 12 -34.00 21.19 22.10
CA GLU D 12 -34.50 22.43 22.70
C GLU D 12 -34.11 22.59 24.15
N LEU D 13 -33.40 21.59 24.67
CA LEU D 13 -33.01 21.58 26.11
C LEU D 13 -32.21 22.83 26.50
N PRO D 14 -32.46 23.38 27.69
CA PRO D 14 -31.76 24.63 28.03
C PRO D 14 -30.24 24.60 27.87
N ARG D 15 -29.68 23.45 28.20
CA ARG D 15 -28.20 23.31 28.30
C ARG D 15 -27.60 22.69 27.06
N ILE D 16 -28.41 22.57 26.04
CA ILE D 16 -27.96 21.95 24.78
C ILE D 16 -26.88 22.81 24.11
N HIS D 17 -25.88 22.14 23.57
CA HIS D 17 -24.84 22.79 22.78
C HIS D 17 -25.37 23.05 21.37
N PRO D 18 -24.98 24.17 20.75
CA PRO D 18 -25.53 24.46 19.42
C PRO D 18 -25.27 23.41 18.37
N VAL D 19 -24.15 22.69 18.49
CA VAL D 19 -23.84 21.67 17.50
C VAL D 19 -24.76 20.47 17.69
N ALA D 20 -25.00 20.15 18.95
CA ALA D 20 -25.89 19.04 19.32
C ALA D 20 -27.32 19.38 18.91
N SER D 21 -27.69 20.63 19.07
CA SER D 21 -29.05 21.06 18.74
C SER D 21 -29.31 20.91 17.25
N LYS D 22 -28.32 21.36 16.48
CA LYS D 22 -28.41 21.28 15.01
C LYS D 22 -28.57 19.84 14.52
N LEU D 23 -27.77 19.00 15.12
CA LEU D 23 -27.78 17.54 14.81
C LEU D 23 -29.14 16.95 15.13
N LEU D 24 -29.55 17.18 16.36
CA LEU D 24 -30.81 16.63 16.86
C LEU D 24 -32.01 17.03 16.01
N ARG D 25 -31.98 18.27 15.59
CA ARG D 25 -33.10 18.81 14.78
C ARG D 25 -33.18 18.09 13.43
N LEU D 26 -32.03 17.86 12.83
CA LEU D 26 -32.00 17.22 11.51
C LEU D 26 -32.29 15.73 11.62
N MET D 27 -31.94 15.16 12.77
CA MET D 27 -32.27 13.74 13.03
C MET D 27 -33.79 13.57 13.01
N GLN D 28 -34.44 14.52 13.65
CA GLN D 28 -35.92 14.46 13.79
C GLN D 28 -36.55 14.70 12.44
N LYS D 29 -36.03 15.70 11.76
CA LYS D 29 -36.58 16.13 10.46
C LYS D 29 -36.52 15.01 9.42
N LYS D 30 -35.39 14.31 9.45
CA LYS D 30 -35.06 13.34 8.40
C LYS D 30 -35.35 11.91 8.79
N GLU D 31 -35.75 11.76 10.02
CA GLU D 31 -36.00 10.45 10.64
C GLU D 31 -34.81 9.50 10.46
N THR D 32 -33.66 10.03 10.86
CA THR D 32 -32.45 9.24 10.87
C THR D 32 -31.53 9.50 12.05
N ASN D 33 -31.07 8.39 12.61
CA ASN D 33 -30.05 8.39 13.66
C ASN D 33 -28.88 7.46 13.28
N LEU D 34 -28.66 7.47 11.98
CA LEU D 34 -27.54 6.73 11.31
C LEU D 34 -26.40 7.65 10.91
N CYS D 35 -25.23 7.27 11.34
CA CYS D 35 -23.96 7.88 10.96
C CYS D 35 -23.19 6.90 10.09
N LEU D 36 -22.96 7.29 8.86
CA LEU D 36 -22.17 6.49 7.90
C LEU D 36 -20.69 6.64 8.19
N SER D 37 -20.01 5.51 8.34
CA SER D 37 -18.55 5.52 8.48
C SER D 37 -17.91 5.25 7.12
N ALA D 38 -17.46 6.34 6.51
CA ALA D 38 -17.01 6.39 5.11
C ALA D 38 -15.52 6.09 5.00
N ASP D 39 -15.20 4.87 5.36
CA ASP D 39 -13.81 4.40 5.41
C ASP D 39 -13.30 3.97 4.05
N VAL D 40 -13.03 4.96 3.24
CA VAL D 40 -12.60 4.77 1.84
C VAL D 40 -11.27 5.42 1.54
N SER D 41 -10.70 4.98 0.44
CA SER D 41 -9.32 5.36 0.10
CA SER D 41 -9.33 5.33 0.06
C SER D 41 -9.24 6.47 -0.94
N LEU D 42 -10.37 6.75 -1.56
CA LEU D 42 -10.42 7.78 -2.63
C LEU D 42 -11.50 8.81 -2.43
N ALA D 43 -11.14 10.05 -2.71
CA ALA D 43 -12.04 11.18 -2.56
C ALA D 43 -13.30 10.98 -3.37
N ARG D 44 -13.14 10.44 -4.55
CA ARG D 44 -14.29 10.27 -5.46
CA ARG D 44 -14.28 10.26 -5.47
C ARG D 44 -15.34 9.39 -4.80
N GLU D 45 -14.86 8.37 -4.11
CA GLU D 45 -15.77 7.42 -3.47
C GLU D 45 -16.46 8.04 -2.26
N LEU D 46 -15.69 8.85 -1.57
CA LEU D 46 -16.19 9.55 -0.37
C LEU D 46 -17.35 10.46 -0.75
N LEU D 47 -17.13 11.19 -1.84
CA LEU D 47 -18.14 12.16 -2.31
C LEU D 47 -19.37 11.49 -2.91
N GLN D 48 -19.14 10.37 -3.56
CA GLN D 48 -20.24 9.55 -4.13
C GLN D 48 -21.11 9.03 -3.02
N LEU D 49 -20.46 8.56 -1.97
CA LEU D 49 -21.18 8.04 -0.80
C LEU D 49 -22.00 9.14 -0.14
N ALA D 50 -21.36 10.27 0.04
CA ALA D 50 -21.97 11.44 0.66
C ALA D 50 -23.22 11.88 -0.08
N ASP D 51 -23.16 11.78 -1.40
CA ASP D 51 -24.26 12.27 -2.25
C ASP D 51 -25.42 11.29 -2.24
N ALA D 52 -25.05 10.03 -2.38
CA ALA D 52 -26.04 8.95 -2.59
C ALA D 52 -26.75 8.64 -1.29
N LEU D 53 -25.99 8.73 -0.21
CA LEU D 53 -26.49 8.30 1.11
C LEU D 53 -26.81 9.43 2.05
N GLY D 54 -26.45 10.62 1.61
CA GLY D 54 -26.73 11.85 2.38
C GLY D 54 -28.14 11.92 2.94
N PRO D 55 -29.15 11.61 2.11
CA PRO D 55 -30.53 11.72 2.57
C PRO D 55 -30.92 10.77 3.67
N SER D 56 -30.14 9.72 3.80
CA SER D 56 -30.42 8.61 4.74
C SER D 56 -29.73 8.74 6.08
N ILE D 57 -28.81 9.70 6.17
CA ILE D 57 -27.89 9.83 7.33
C ILE D 57 -28.02 11.15 8.07
N CYS D 58 -27.70 11.13 9.35
CA CYS D 58 -27.61 12.38 10.14
C CYS D 58 -26.18 12.90 10.20
N MET D 59 -25.27 12.04 9.78
CA MET D 59 -23.82 12.29 9.99
C MET D 59 -23.01 11.39 9.11
N LEU D 60 -21.90 11.95 8.68
CA LEU D 60 -20.89 11.22 7.91
C LEU D 60 -19.58 11.32 8.67
N LYS D 61 -19.06 10.15 9.02
CA LYS D 61 -17.82 10.02 9.76
C LYS D 61 -16.71 9.73 8.78
N THR D 62 -15.71 10.58 8.84
CA THR D 62 -14.51 10.54 8.02
C THR D 62 -13.29 10.03 8.80
N HIS D 63 -12.40 9.46 8.02
CA HIS D 63 -10.99 9.16 8.42
C HIS D 63 -10.12 9.79 7.30
N VAL D 64 -9.87 11.09 7.37
CA VAL D 64 -9.26 11.75 6.18
C VAL D 64 -7.86 11.22 5.89
N ASP D 65 -7.23 10.64 6.92
CA ASP D 65 -5.85 10.12 6.79
C ASP D 65 -5.78 8.87 5.95
N ILE D 66 -6.93 8.26 5.73
CA ILE D 66 -7.02 7.00 4.93
C ILE D 66 -7.20 7.34 3.45
N LEU D 67 -7.57 8.58 3.21
CA LEU D 67 -7.68 9.05 1.81
C LEU D 67 -6.31 9.18 1.15
N ASN D 68 -6.18 8.58 0.00
CA ASN D 68 -4.92 8.58 -0.77
C ASN D 68 -4.72 9.95 -1.37
N ASP D 69 -5.84 10.64 -1.54
CA ASP D 69 -5.87 11.91 -2.30
C ASP D 69 -6.63 13.03 -1.60
N PHE D 70 -6.46 13.06 -0.29
CA PHE D 70 -6.98 14.19 0.49
C PHE D 70 -6.46 15.52 -0.03
N THR D 71 -7.39 16.45 -0.21
CA THR D 71 -7.13 17.90 -0.24
C THR D 71 -8.25 18.66 0.43
N LEU D 72 -7.98 19.92 0.68
CA LEU D 72 -8.98 20.76 1.33
C LEU D 72 -10.13 21.09 0.37
N ASP D 73 -9.85 20.93 -0.90
CA ASP D 73 -10.89 21.10 -1.94
CA ASP D 73 -10.89 21.13 -1.93
C ASP D 73 -11.92 19.99 -1.84
N VAL D 74 -11.43 18.83 -1.47
CA VAL D 74 -12.32 17.67 -1.28
C VAL D 74 -13.28 17.97 -0.14
N MET D 75 -12.73 18.58 0.89
CA MET D 75 -13.52 18.94 2.10
CA MET D 75 -13.53 18.89 2.08
C MET D 75 -14.53 20.01 1.77
N LYS D 76 -14.14 20.90 0.88
CA LYS D 76 -15.03 21.97 0.42
C LYS D 76 -16.27 21.35 -0.25
N GLU D 77 -16.00 20.36 -1.07
CA GLU D 77 -17.06 19.64 -1.79
CA GLU D 77 -17.05 19.63 -1.79
C GLU D 77 -17.92 18.85 -0.82
N LEU D 78 -17.26 18.28 0.17
CA LEU D 78 -17.98 17.50 1.20
C LEU D 78 -18.94 18.40 2.00
N ILE D 79 -18.48 19.59 2.30
CA ILE D 79 -19.28 20.56 3.07
C ILE D 79 -20.54 20.93 2.29
N THR D 80 -20.34 21.02 1.00
CA THR D 80 -21.44 21.42 0.10
C THR D 80 -22.52 20.36 0.15
N LEU D 81 -22.08 19.12 0.13
CA LEU D 81 -23.00 17.97 0.19
C LEU D 81 -23.68 17.91 1.55
N ALA D 82 -22.91 18.21 2.56
CA ALA D 82 -23.43 18.16 3.95
C ALA D 82 -24.53 19.16 4.13
N LYS D 83 -24.35 20.31 3.48
CA LYS D 83 -25.31 21.42 3.61
C LYS D 83 -26.59 21.11 2.84
N CYS D 84 -26.37 20.52 1.68
CA CYS D 84 -27.44 20.18 0.72
C CYS D 84 -28.35 19.14 1.32
N HIS D 85 -27.71 18.07 1.78
CA HIS D 85 -28.44 16.86 2.25
C HIS D 85 -28.77 16.89 3.72
N GLU D 86 -28.14 17.83 4.36
CA GLU D 86 -28.29 18.07 5.82
C GLU D 86 -27.79 16.93 6.69
N PHE D 87 -26.48 16.91 6.85
CA PHE D 87 -25.80 16.01 7.80
C PHE D 87 -24.56 16.70 8.34
N LEU D 88 -24.14 16.28 9.51
CA LEU D 88 -22.88 16.80 10.09
C LEU D 88 -21.72 15.94 9.64
N ILE D 89 -20.55 16.57 9.67
CA ILE D 89 -19.26 15.92 9.41
C ILE D 89 -18.50 15.71 10.71
N PHE D 90 -18.14 14.46 10.90
CA PHE D 90 -17.44 13.97 12.10
C PHE D 90 -16.14 13.32 11.67
N GLU D 91 -15.02 13.96 11.95
CA GLU D 91 -13.69 13.35 11.71
C GLU D 91 -13.27 12.57 12.95
N ASP D 92 -13.07 11.28 12.72
CA ASP D 92 -12.78 10.29 13.80
C ASP D 92 -11.28 10.29 14.08
N ARG D 93 -10.82 11.45 14.54
CA ARG D 93 -9.38 11.75 14.68
C ARG D 93 -8.76 11.11 15.90
N LYS D 94 -9.56 10.82 16.88
CA LYS D 94 -9.07 10.20 18.13
C LYS D 94 -7.86 10.94 18.73
N PHE D 95 -8.01 12.25 18.90
CA PHE D 95 -6.98 13.05 19.59
C PHE D 95 -6.66 12.37 20.91
N ALA D 96 -5.37 12.22 21.21
CA ALA D 96 -4.95 11.37 22.33
C ALA D 96 -3.57 11.67 22.87
N ASP D 97 -3.31 12.94 23.05
CA ASP D 97 -2.05 13.40 23.63
C ASP D 97 -2.25 14.68 24.40
N ILE D 98 -1.13 15.20 24.86
CA ILE D 98 -1.10 16.43 25.64
C ILE D 98 -1.76 17.58 24.88
N GLY D 99 -2.31 18.50 25.66
CA GLY D 99 -3.04 19.59 25.11
C GLY D 99 -2.32 20.41 24.05
N ASN D 100 -1.04 20.66 24.29
CA ASN D 100 -0.25 21.50 23.37
C ASN D 100 -0.16 20.89 21.98
N THR D 101 -0.09 19.57 21.96
CA THR D 101 0.01 18.80 20.70
C THR D 101 -1.32 18.75 19.96
N VAL D 102 -2.36 18.38 20.69
CA VAL D 102 -3.68 18.16 20.05
C VAL D 102 -4.23 19.48 19.51
N LYS D 103 -3.84 20.57 20.15
CA LYS D 103 -4.24 21.91 19.68
C LYS D 103 -3.75 22.09 18.24
N LYS D 104 -2.49 21.76 18.02
CA LYS D 104 -1.87 21.91 16.69
C LYS D 104 -2.45 20.92 15.68
N GLN D 105 -2.77 19.73 16.17
CA GLN D 105 -3.32 18.68 15.32
C GLN D 105 -4.74 18.96 14.85
N TYR D 106 -5.42 19.79 15.62
CA TYR D 106 -6.83 20.12 15.34
C TYR D 106 -6.92 21.31 14.38
N GLU D 107 -6.11 22.30 14.67
CA GLU D 107 -6.16 23.58 13.94
C GLU D 107 -5.40 23.51 12.63
N GLY D 108 -4.23 22.94 12.70
CA GLY D 108 -3.24 23.24 11.65
C GLY D 108 -2.93 22.06 10.83
N GLY D 109 -1.70 22.07 10.39
CA GLY D 109 -1.17 20.98 9.63
C GLY D 109 -1.95 20.74 8.36
N ILE D 110 -1.69 19.60 7.79
CA ILE D 110 -2.16 19.29 6.45
C ILE D 110 -3.70 19.21 6.32
N PHE D 111 -4.34 18.77 7.38
CA PHE D 111 -5.78 18.48 7.30
C PHE D 111 -6.66 19.67 7.65
N LYS D 112 -6.14 20.56 8.44
CA LYS D 112 -6.89 21.70 8.99
C LYS D 112 -8.28 21.28 9.45
N ILE D 113 -8.27 20.29 10.32
CA ILE D 113 -9.53 19.63 10.71
C ILE D 113 -10.61 20.60 11.19
N ALA D 114 -10.19 21.54 12.02
CA ALA D 114 -11.15 22.44 12.68
C ALA D 114 -11.89 23.31 11.68
N SER D 115 -11.31 23.43 10.50
CA SER D 115 -11.90 24.30 9.44
C SER D 115 -13.13 23.68 8.79
N TRP D 116 -13.30 22.38 8.94
CA TRP D 116 -14.41 21.62 8.27
C TRP D 116 -15.21 20.61 9.09
N ALA D 117 -14.63 20.11 10.17
CA ALA D 117 -15.31 19.06 10.95
C ALA D 117 -16.21 19.65 12.01
N ASP D 118 -17.49 19.37 11.88
CA ASP D 118 -18.44 19.80 12.91
C ASP D 118 -18.09 19.17 14.24
N LEU D 119 -17.72 17.92 14.13
CA LEU D 119 -17.41 17.09 15.32
C LEU D 119 -16.08 16.39 15.13
N VAL D 120 -15.38 16.28 16.24
CA VAL D 120 -14.21 15.40 16.37
C VAL D 120 -14.36 14.59 17.65
N ASN D 121 -13.47 13.64 17.86
CA ASN D 121 -13.42 12.87 19.12
C ASN D 121 -12.02 12.83 19.67
N ALA D 122 -11.99 12.46 20.95
CA ALA D 122 -10.78 12.39 21.75
C ALA D 122 -10.85 11.27 22.76
N HIS D 123 -9.69 10.62 22.90
CA HIS D 123 -9.46 9.70 24.01
C HIS D 123 -9.17 10.47 25.27
N VAL D 124 -9.62 9.91 26.38
CA VAL D 124 -9.56 10.57 27.69
C VAL D 124 -8.32 10.20 28.46
N VAL D 125 -7.62 9.22 27.94
CA VAL D 125 -6.39 8.71 28.60
C VAL D 125 -5.32 9.79 28.99
N PRO D 126 -5.16 10.88 28.23
CA PRO D 126 -4.13 11.83 28.66
C PRO D 126 -4.51 12.74 29.80
N GLY D 127 -5.76 12.62 30.20
CA GLY D 127 -6.33 13.61 31.14
C GLY D 127 -6.95 14.76 30.38
N SER D 128 -7.50 15.67 31.16
CA SER D 128 -8.38 16.72 30.62
C SER D 128 -7.70 17.77 29.75
N GLY D 129 -6.38 17.78 29.80
CA GLY D 129 -5.61 18.65 28.92
C GLY D 129 -5.89 18.40 27.45
N VAL D 130 -6.32 17.17 27.14
CA VAL D 130 -6.62 16.82 25.75
C VAL D 130 -7.79 17.67 25.27
N VAL D 131 -8.75 17.85 26.16
CA VAL D 131 -9.92 18.67 25.85
C VAL D 131 -9.58 20.17 25.86
N LYS D 132 -8.81 20.54 26.86
CA LYS D 132 -8.43 21.95 27.05
C LYS D 132 -7.66 22.45 25.83
N GLY D 133 -6.82 21.58 25.31
CA GLY D 133 -6.03 21.91 24.13
C GLY D 133 -6.89 22.15 22.92
N LEU D 134 -7.85 21.25 22.74
CA LEU D 134 -8.76 21.36 21.60
C LEU D 134 -9.59 22.66 21.72
N GLN D 135 -9.92 22.97 22.95
CA GLN D 135 -10.73 24.18 23.28
C GLN D 135 -9.99 25.48 23.00
N GLU D 136 -8.68 25.36 22.93
CA GLU D 136 -7.85 26.58 22.81
C GLU D 136 -7.79 27.05 21.38
N VAL D 137 -8.31 26.19 20.52
CA VAL D 137 -8.37 26.52 19.10
C VAL D 137 -9.48 27.52 18.96
N GLY D 138 -9.06 28.71 18.55
CA GLY D 138 -9.98 29.79 18.25
C GLY D 138 -10.67 29.50 16.94
N LEU D 139 -11.99 29.36 17.04
CA LEU D 139 -12.82 29.16 15.85
C LEU D 139 -14.19 29.80 15.97
N PRO D 140 -14.50 30.78 15.12
CA PRO D 140 -15.77 31.45 15.28
C PRO D 140 -16.87 30.68 14.60
N LEU D 141 -16.65 29.38 14.62
CA LEU D 141 -17.65 28.44 14.12
C LEU D 141 -18.07 27.49 15.21
N HIS D 142 -19.25 26.93 15.01
CA HIS D 142 -19.82 25.99 15.98
C HIS D 142 -19.16 24.63 15.80
N ARG D 143 -18.50 24.23 16.86
CA ARG D 143 -17.72 22.98 16.89
C ARG D 143 -17.93 22.24 18.18
N GLY D 144 -17.99 20.94 18.04
CA GLY D 144 -18.06 20.04 19.19
C GLY D 144 -17.10 18.89 19.17
N CYS D 145 -17.03 18.28 20.33
CA CYS D 145 -16.18 17.11 20.59
C CYS D 145 -16.95 15.99 21.29
N LEU D 146 -16.57 14.78 20.93
CA LEU D 146 -17.06 13.55 21.56
C LEU D 146 -15.92 12.87 22.30
N LEU D 147 -16.18 12.46 23.52
CA LEU D 147 -15.19 11.70 24.31
C LEU D 147 -15.44 10.22 24.21
N ILE D 148 -14.36 9.48 24.02
CA ILE D 148 -14.42 8.02 23.88
C ILE D 148 -14.45 7.37 25.26
N ALA D 149 -15.68 7.02 25.62
CA ALA D 149 -16.01 6.48 26.95
C ALA D 149 -15.97 4.97 27.03
N GLU D 150 -16.30 4.36 25.89
CA GLU D 150 -16.23 2.90 25.68
C GLU D 150 -15.84 2.65 24.25
N MET D 151 -15.22 1.50 24.02
CA MET D 151 -14.87 1.05 22.65
C MET D 151 -15.49 -0.28 22.32
N SER D 152 -15.60 -0.53 21.02
CA SER D 152 -16.35 -1.71 20.49
C SER D 152 -15.54 -2.98 20.40
N SER D 153 -14.25 -2.82 20.59
CA SER D 153 -13.30 -3.93 20.32
C SER D 153 -12.99 -4.84 21.50
N THR D 154 -12.56 -6.04 21.14
CA THR D 154 -12.24 -7.07 22.14
C THR D 154 -11.02 -6.67 22.96
N GLY D 155 -11.20 -6.73 24.25
CA GLY D 155 -10.16 -6.38 25.20
C GLY D 155 -10.09 -4.90 25.51
N SER D 156 -11.09 -4.15 25.04
CA SER D 156 -11.14 -2.71 25.39
C SER D 156 -10.91 -2.46 26.89
N LEU D 157 -10.08 -1.46 27.15
CA LEU D 157 -9.77 -1.02 28.52
C LEU D 157 -10.63 0.13 28.97
N ALA D 158 -11.51 0.55 28.07
CA ALA D 158 -12.43 1.69 28.32
C ALA D 158 -13.70 1.22 29.02
N THR D 159 -13.46 0.83 30.25
CA THR D 159 -14.49 0.29 31.14
C THR D 159 -14.38 0.87 32.53
N GLY D 160 -15.40 0.56 33.33
CA GLY D 160 -15.35 0.85 34.77
C GLY D 160 -14.98 2.29 35.04
N ASP D 161 -13.90 2.45 35.79
CA ASP D 161 -13.51 3.78 36.28
C ASP D 161 -13.08 4.68 35.13
N TYR D 162 -12.62 4.03 34.08
CA TYR D 162 -12.13 4.76 32.87
C TYR D 162 -13.30 5.45 32.19
N THR D 163 -14.36 4.68 32.06
CA THR D 163 -15.63 5.18 31.50
C THR D 163 -16.20 6.32 32.34
N ARG D 164 -16.15 6.13 33.65
CA ARG D 164 -16.64 7.16 34.60
C ARG D 164 -15.85 8.46 34.46
N ALA D 165 -14.56 8.29 34.23
CA ALA D 165 -13.64 9.43 34.07
C ALA D 165 -14.02 10.23 32.83
N ALA D 166 -14.36 9.50 31.79
CA ALA D 166 -14.78 10.13 30.53
C ALA D 166 -16.02 10.96 30.73
N VAL D 167 -16.95 10.38 31.47
CA VAL D 167 -18.25 11.04 31.72
C VAL D 167 -18.04 12.33 32.51
N ARG D 168 -17.21 12.23 33.52
CA ARG D 168 -16.91 13.41 34.36
C ARG D 168 -16.23 14.49 33.55
N MET D 169 -15.31 14.06 32.70
CA MET D 169 -14.57 15.00 31.86
C MET D 169 -15.52 15.73 30.92
N ALA D 170 -16.48 14.98 30.40
CA ALA D 170 -17.46 15.52 29.46
C ALA D 170 -18.31 16.59 30.15
N GLU D 171 -18.77 16.21 31.33
CA GLU D 171 -19.74 17.04 32.04
CA GLU D 171 -19.69 17.03 32.14
C GLU D 171 -19.05 18.34 32.49
N GLU D 172 -17.75 18.26 32.69
CA GLU D 172 -16.93 19.40 33.14
C GLU D 172 -16.44 20.33 32.04
N HIS D 173 -16.72 19.91 30.82
CA HIS D 173 -16.31 20.65 29.62
C HIS D 173 -17.44 20.72 28.60
N SER D 174 -18.63 20.87 29.14
CA SER D 174 -19.89 20.82 28.35
C SER D 174 -20.07 21.97 27.37
N GLU D 175 -19.23 22.97 27.53
CA GLU D 175 -19.18 24.09 26.59
C GLU D 175 -18.65 23.66 25.22
N PHE D 176 -17.96 22.52 25.22
CA PHE D 176 -17.31 21.96 24.02
C PHE D 176 -17.65 20.51 23.72
N VAL D 177 -17.67 19.71 24.77
CA VAL D 177 -17.98 18.27 24.68
C VAL D 177 -19.48 18.07 24.63
N VAL D 178 -19.93 17.45 23.56
CA VAL D 178 -21.36 17.27 23.27
C VAL D 178 -21.85 15.87 23.37
N GLY D 179 -20.95 14.98 23.75
CA GLY D 179 -21.32 13.57 23.87
C GLY D 179 -20.15 12.65 23.85
N PHE D 180 -20.47 11.42 23.51
CA PHE D 180 -19.60 10.23 23.65
C PHE D 180 -19.61 9.33 22.46
N ILE D 181 -18.47 8.69 22.29
CA ILE D 181 -18.40 7.39 21.61
C ILE D 181 -18.53 6.37 22.73
N SER D 182 -19.56 5.55 22.63
CA SER D 182 -19.81 4.53 23.66
C SER D 182 -20.63 3.39 23.07
N GLY D 183 -20.76 2.36 23.88
CA GLY D 183 -21.56 1.18 23.47
C GLY D 183 -22.97 1.20 23.98
N SER D 184 -23.15 2.11 24.91
CA SER D 184 -24.42 2.30 25.62
CA SER D 184 -24.38 2.26 25.71
C SER D 184 -24.54 3.70 26.20
N ARG D 185 -25.70 4.00 26.73
CA ARG D 185 -25.91 5.25 27.48
C ARG D 185 -24.97 5.22 28.68
N VAL D 186 -24.12 6.24 28.78
CA VAL D 186 -23.14 6.37 29.88
C VAL D 186 -23.42 7.57 30.77
N SER D 187 -24.13 8.52 30.19
CA SER D 187 -24.59 9.73 30.91
C SER D 187 -26.08 9.77 30.93
N MET D 188 -26.59 10.22 32.07
CA MET D 188 -28.02 10.29 32.30
C MET D 188 -28.53 11.68 31.96
N LYS D 189 -27.61 12.50 31.48
CA LYS D 189 -27.96 13.89 31.09
C LYS D 189 -28.35 13.93 29.61
N PRO D 190 -29.59 14.35 29.29
CA PRO D 190 -30.09 14.15 27.93
C PRO D 190 -29.50 15.07 26.88
N GLU D 191 -28.72 16.02 27.35
CA GLU D 191 -28.06 16.99 26.49
CA GLU D 191 -28.09 16.98 26.41
C GLU D 191 -26.86 16.39 25.76
N PHE D 192 -26.42 15.26 26.27
CA PHE D 192 -25.24 14.54 25.68
C PHE D 192 -25.70 13.51 24.67
N LEU D 193 -24.99 13.49 23.58
CA LEU D 193 -25.20 12.48 22.51
C LEU D 193 -24.36 11.24 22.75
N HIS D 194 -24.98 10.11 22.44
CA HIS D 194 -24.29 8.80 22.47
C HIS D 194 -24.24 8.23 21.06
N LEU D 195 -23.02 8.07 20.58
CA LEU D 195 -22.76 7.44 19.27
C LEU D 195 -22.04 6.13 19.46
N THR D 196 -22.56 5.11 18.80
CA THR D 196 -22.11 3.72 18.96
C THR D 196 -21.63 3.05 17.68
N PRO D 197 -20.32 2.81 17.58
CA PRO D 197 -19.83 1.97 16.51
C PRO D 197 -19.86 0.52 16.93
N GLY D 198 -19.44 -0.33 16.00
CA GLY D 198 -19.56 -1.78 16.18
C GLY D 198 -21.00 -2.26 16.02
N VAL D 199 -21.60 -1.83 14.92
CA VAL D 199 -23.01 -2.15 14.61
C VAL D 199 -23.15 -2.82 13.23
N GLN D 200 -23.86 -3.95 13.28
CA GLN D 200 -24.29 -4.73 12.10
C GLN D 200 -25.61 -5.41 12.41
N LEU D 201 -26.35 -5.69 11.35
CA LEU D 201 -27.67 -6.32 11.50
C LEU D 201 -27.48 -7.71 12.06
N GLU D 202 -26.40 -8.33 11.62
CA GLU D 202 -26.08 -9.73 11.98
C GLU D 202 -25.02 -9.77 13.07
N ALA D 203 -25.14 -10.84 13.86
CA ALA D 203 -24.12 -11.17 14.88
C ALA D 203 -22.79 -11.44 14.23
N GLY D 204 -21.76 -11.05 14.95
CA GLY D 204 -20.40 -11.35 14.57
C GLY D 204 -19.38 -10.32 14.98
N GLY D 205 -18.36 -10.34 14.17
CA GLY D 205 -17.13 -9.51 14.38
C GLY D 205 -16.29 -9.54 13.12
N ASP D 206 -15.08 -9.03 13.26
CA ASP D 206 -14.06 -9.26 12.24
C ASP D 206 -12.93 -10.03 12.86
N ASN D 207 -11.88 -10.15 12.09
CA ASN D 207 -10.70 -10.95 12.45
CA ASN D 207 -10.72 -10.96 12.50
C ASN D 207 -9.64 -10.15 13.18
N LEU D 208 -10.00 -8.93 13.50
CA LEU D 208 -9.09 -7.98 14.13
C LEU D 208 -9.73 -7.26 15.32
N GLY D 209 -10.59 -8.00 15.99
CA GLY D 209 -11.09 -7.61 17.30
C GLY D 209 -12.34 -6.74 17.33
N GLN D 210 -12.86 -6.42 16.16
CA GLN D 210 -14.16 -5.68 16.11
C GLN D 210 -15.26 -6.62 16.51
N GLN D 211 -16.20 -6.07 17.25
CA GLN D 211 -17.40 -6.81 17.70
C GLN D 211 -18.64 -6.03 17.29
N TYR D 212 -19.62 -6.76 16.79
CA TYR D 212 -20.89 -6.18 16.34
C TYR D 212 -22.06 -6.55 17.22
N ASN D 213 -22.90 -5.53 17.38
CA ASN D 213 -24.24 -5.64 17.96
C ASN D 213 -25.24 -4.97 17.06
N SER D 214 -26.50 -5.35 17.19
CA SER D 214 -27.53 -4.88 16.25
C SER D 214 -28.03 -3.49 16.64
N PRO D 215 -28.66 -2.79 15.69
CA PRO D 215 -29.27 -1.50 16.02
C PRO D 215 -30.29 -1.57 17.14
N GLN D 216 -31.07 -2.64 17.15
CA GLN D 216 -32.10 -2.80 18.18
C GLN D 216 -31.46 -2.94 19.56
N GLU D 217 -30.38 -3.70 19.62
CA GLU D 217 -29.64 -3.92 20.87
C GLU D 217 -29.03 -2.62 21.41
N VAL D 218 -28.38 -1.90 20.53
CA VAL D 218 -27.57 -0.70 20.89
CA VAL D 218 -27.57 -0.72 20.94
C VAL D 218 -28.43 0.52 21.21
N ILE D 219 -29.44 0.73 20.40
CA ILE D 219 -30.33 1.88 20.56
C ILE D 219 -31.43 1.54 21.56
N GLY D 220 -31.99 0.36 21.33
CA GLY D 220 -33.20 -0.06 22.02
C GLY D 220 -32.95 -0.46 23.43
N LYS D 221 -32.02 -1.39 23.59
CA LYS D 221 -31.76 -2.02 24.89
C LYS D 221 -30.71 -1.27 25.68
N ARG D 222 -29.70 -0.81 24.98
CA ARG D 222 -28.52 -0.16 25.61
C ARG D 222 -28.63 1.35 25.70
N GLY D 223 -29.65 1.88 25.05
CA GLY D 223 -30.03 3.29 25.19
C GLY D 223 -29.13 4.32 24.53
N SER D 224 -28.37 3.89 23.55
CA SER D 224 -27.57 4.82 22.74
C SER D 224 -28.46 5.62 21.78
N ASP D 225 -27.87 6.62 21.15
CA ASP D 225 -28.62 7.55 20.28
C ASP D 225 -28.47 7.32 18.78
N ILE D 226 -27.23 7.10 18.39
CA ILE D 226 -26.83 7.07 16.97
C ILE D 226 -25.98 5.85 16.72
N ILE D 227 -26.24 5.15 15.64
CA ILE D 227 -25.37 4.03 15.22
C ILE D 227 -24.38 4.51 14.17
N ILE D 228 -23.14 4.07 14.34
CA ILE D 228 -22.06 4.26 13.37
C ILE D 228 -21.85 2.95 12.66
N VAL D 229 -22.05 3.00 11.36
CA VAL D 229 -21.98 1.82 10.50
C VAL D 229 -21.06 2.05 9.32
N GLY D 230 -20.07 1.19 9.26
CA GLY D 230 -19.11 1.17 8.16
C GLY D 230 -19.37 0.08 7.14
N ARG D 231 -18.69 -1.01 7.36
CA ARG D 231 -18.71 -2.16 6.43
C ARG D 231 -20.10 -2.69 6.16
N GLY D 232 -20.96 -2.54 7.14
CA GLY D 232 -22.34 -3.04 7.03
C GLY D 232 -23.04 -2.43 5.85
N ILE D 233 -22.60 -1.22 5.53
CA ILE D 233 -23.09 -0.48 4.36
C ILE D 233 -22.13 -0.49 3.20
N ILE D 234 -20.93 -0.04 3.49
CA ILE D 234 -19.89 0.22 2.49
CA ILE D 234 -19.96 0.24 2.43
C ILE D 234 -19.46 -1.03 1.76
N SER D 235 -19.63 -2.17 2.40
CA SER D 235 -19.20 -3.46 1.82
C SER D 235 -20.36 -4.27 1.32
N ALA D 236 -21.52 -3.65 1.41
CA ALA D 236 -22.79 -4.32 0.99
C ALA D 236 -22.91 -4.36 -0.52
N ALA D 237 -23.63 -5.36 -0.99
CA ALA D 237 -23.92 -5.53 -2.42
C ALA D 237 -24.69 -4.34 -2.97
N ASP D 238 -25.61 -3.88 -2.16
CA ASP D 238 -26.48 -2.72 -2.48
C ASP D 238 -26.43 -1.73 -1.34
N ARG D 239 -25.63 -0.69 -1.54
CA ARG D 239 -25.30 0.26 -0.49
C ARG D 239 -26.46 1.10 0.01
N LEU D 240 -27.26 1.55 -0.94
CA LEU D 240 -28.42 2.40 -0.59
C LEU D 240 -29.45 1.57 0.19
N GLU D 241 -29.66 0.37 -0.30
CA GLU D 241 -30.62 -0.53 0.35
C GLU D 241 -30.15 -0.81 1.78
N ALA D 242 -28.85 -1.01 1.92
CA ALA D 242 -28.29 -1.32 3.24
C ALA D 242 -28.44 -0.12 4.17
N ALA D 243 -28.15 1.06 3.62
CA ALA D 243 -28.23 2.29 4.43
C ALA D 243 -29.64 2.46 4.96
N GLU D 244 -30.59 2.17 4.08
CA GLU D 244 -32.01 2.34 4.42
C GLU D 244 -32.47 1.33 5.49
N MET D 245 -31.94 0.12 5.40
CA MET D 245 -32.23 -0.89 6.42
CA MET D 245 -32.19 -0.93 6.42
C MET D 245 -31.68 -0.47 7.78
N TYR D 246 -30.47 0.07 7.77
CA TYR D 246 -29.86 0.51 9.04
C TYR D 246 -30.61 1.69 9.64
N ARG D 247 -30.98 2.60 8.76
CA ARG D 247 -31.74 3.79 9.18
C ARG D 247 -33.05 3.40 9.85
N LYS D 248 -33.77 2.54 9.17
CA LYS D 248 -35.09 2.14 9.64
C LYS D 248 -34.99 1.41 10.96
N ALA D 249 -33.94 0.59 11.05
CA ALA D 249 -33.70 -0.20 12.26
C ALA D 249 -33.41 0.68 13.47
N ALA D 250 -32.52 1.62 13.26
CA ALA D 250 -32.07 2.50 14.35
C ALA D 250 -33.21 3.43 14.78
N TRP D 251 -33.94 3.89 13.78
CA TRP D 251 -35.05 4.85 14.00
C TRP D 251 -36.16 4.21 14.83
N GLU D 252 -36.55 3.02 14.43
CA GLU D 252 -37.66 2.33 15.12
CA GLU D 252 -37.65 2.29 15.09
C GLU D 252 -37.26 1.92 16.52
N ALA D 253 -36.00 1.55 16.67
CA ALA D 253 -35.48 1.18 18.00
C ALA D 253 -35.59 2.37 18.93
N TYR D 254 -35.31 3.54 18.37
CA TYR D 254 -35.35 4.79 19.15
C TYR D 254 -36.78 5.10 19.54
N LEU D 255 -37.66 4.95 18.58
CA LEU D 255 -39.09 5.31 18.77
C LEU D 255 -39.67 4.49 19.90
N SER D 256 -39.09 3.32 20.08
CA SER D 256 -39.65 2.32 21.01
C SER D 256 -39.45 2.74 22.45
N ARG D 257 -38.53 3.67 22.62
CA ARG D 257 -38.15 4.19 23.95
C ARG D 257 -39.07 5.30 24.41
N LEU D 258 -39.78 5.86 23.46
CA LEU D 258 -40.65 7.01 23.71
C LEU D 258 -42.06 6.60 24.16
N GLY D 259 -42.48 5.41 23.78
S SO4 E . -10.72 5.49 -9.70
O1 SO4 E . -11.42 5.55 -11.01
O2 SO4 E . -9.26 5.66 -9.88
O3 SO4 E . -11.28 6.55 -8.85
O4 SO4 E . -10.90 4.16 -9.08
O1P CNU F . -11.07 1.02 -18.21
P CNU F . -9.83 1.16 -17.38
O2P CNU F . -10.14 1.42 -15.92
O3P CNU F . -8.90 2.23 -17.92
O5' CNU F . -9.13 -0.28 -17.34
C5' CNU F . -8.43 -0.72 -18.49
C4' CNU F . -7.92 -2.11 -18.11
O4' CNU F . -7.33 -2.82 -19.31
C3' CNU F . -6.89 -2.10 -16.98
O3' CNU F . -6.99 -3.31 -16.21
C2' CNU F . -5.63 -2.14 -17.83
O2' CNU F . -4.52 -2.68 -17.13
C1' CNU F . -5.92 -2.98 -19.07
N1 CNU F . -5.20 -2.69 -20.30
C2 CNU F . -5.25 -1.43 -20.90
O2 CNU F . -5.96 -0.46 -20.33
N3 CNU F . -4.57 -1.16 -22.06
C4 CNU F . -3.85 -2.12 -22.66
O4 CNU F . -3.27 -1.84 -23.73
C6 CNU F . -4.46 -3.63 -20.89
C5 CNU F . -3.78 -3.37 -22.07
C52 CNU F . -3.05 -4.49 -22.58
N53 CNU F . -2.46 -5.37 -23.00
O1P CNU G . 20.10 -18.21 -16.83
P CNU G . 18.68 -18.64 -17.09
O2P CNU G . 18.29 -19.87 -16.30
O3P CNU G . 18.39 -18.77 -18.57
O5' CNU G . 17.70 -17.54 -16.45
C5' CNU G . 17.60 -16.28 -17.13
C4' CNU G . 16.71 -15.47 -16.21
O4' CNU G . 16.55 -14.03 -16.63
C3' CNU G . 15.24 -15.93 -16.14
O3' CNU G . 14.63 -15.73 -14.86
C2' CNU G . 14.51 -15.13 -17.22
O2' CNU G . 13.13 -15.04 -16.96
C1' CNU G . 15.21 -13.80 -17.07
N1 CNU G . 15.28 -12.99 -18.30
C2 CNU G . 15.89 -13.42 -19.46
O2 CNU G . 16.46 -14.62 -19.52
N3 CNU G . 15.93 -12.64 -20.59
C4 CNU G . 15.40 -11.43 -20.61
O4 CNU G . 15.53 -10.80 -21.68
C6 CNU G . 14.72 -11.75 -18.31
C5 CNU G . 14.75 -10.94 -19.48
C52 CNU G . 14.12 -9.65 -19.38
N53 CNU G . 13.63 -8.62 -19.31
O1P CNU H . 9.17 18.33 25.11
P CNU H . 7.79 18.78 24.64
O2P CNU H . 7.85 19.99 23.74
O3P CNU H . 6.81 18.92 25.78
O5' CNU H . 7.27 17.65 23.62
C5' CNU H . 6.77 16.43 24.15
C4' CNU H . 6.48 15.65 22.88
O4' CNU H . 6.16 14.20 23.20
C3' CNU H . 5.27 16.12 22.10
O3' CNU H . 5.33 15.88 20.68
C2' CNU H . 4.10 15.34 22.69
O2' CNU H . 2.99 15.20 21.78
C1' CNU H . 4.75 13.98 22.97
N1 CNU H . 4.20 13.13 24.03
C2 CNU H . 4.18 13.56 25.33
O2 CNU H . 4.65 14.75 25.60
N3 CNU H . 3.67 12.82 26.35
C4 CNU H . 3.20 11.60 26.07
O4 CNU H . 2.77 10.95 27.07
C6 CNU H . 3.70 11.92 23.72
C5 CNU H . 3.18 11.12 24.76
C52 CNU H . 2.69 9.83 24.34
N53 CNU H . 2.28 8.79 24.03
O1P CNU I . -18.73 -0.76 10.87
P CNU I . -17.24 -0.92 10.77
O2P CNU I . -16.82 -1.13 9.34
O3P CNU I . -16.73 -1.95 11.74
O5' CNU I . -16.58 0.52 11.13
C5' CNU I . -16.58 0.96 12.49
C4' CNU I . -15.98 2.34 12.39
O4' CNU I . -16.00 3.06 13.72
C3' CNU I . -14.50 2.41 11.97
O3' CNU I . -14.17 3.57 11.17
C2' CNU I . -13.77 2.37 13.29
O2' CNU I . -12.46 2.90 13.20
C1' CNU I . -14.66 3.25 14.16
N1 CNU I . -14.64 2.95 15.58
C2 CNU I . -14.97 1.70 16.09
O2 CNU I . -15.31 0.71 15.25
N3 CNU I . -14.94 1.41 17.42
C4 CNU I . -14.61 2.37 18.30
O4 CNU I . -14.63 2.09 19.53
C6 CNU I . -14.28 3.90 16.46
C5 CNU I . -14.26 3.62 17.84
C52 CNU I . -13.86 4.71 18.71
N53 CNU I . -13.56 5.57 19.39
S SO4 J . -14.13 -5.11 3.63
O1 SO4 J . -13.95 -3.80 2.97
O2 SO4 J . -13.01 -5.29 4.55
O3 SO4 J . -15.42 -5.14 4.36
O4 SO4 J . -14.19 -6.19 2.63
#